data_9CIW
#
_entry.id   9CIW
#
_cell.length_a   66.967
_cell.length_b   64.963
_cell.length_c   196.424
_cell.angle_alpha   90.000
_cell.angle_beta   90.000
_cell.angle_gamma   90.000
#
_symmetry.space_group_name_H-M   'P 21 21 21'
#
loop_
_entity.id
_entity.type
_entity.pdbx_description
1 polymer 'Penguinpox cGAMP PDE'
2 non-polymer '[(2~{R},3~{R},4~{R},5~{S})-5-(6-aminopurin-9-yl)-3,4-bis(oxidanyl)oxolan-2-yl]methyl [(2~{R},3~{R},4~{S},5~{R})-2-(2-azanyl-6-oxidanylidene-1~{H}-purin-9-yl)-5-(hydroxymethyl)-4-oxidanyl-oxolan-3-yl] hydrogen phosphate'
3 water water
#
_entity_poly.entity_id   1
_entity_poly.type   'polypeptide(L)'
_entity_poly.pdbx_seq_one_letter_code
;SATTIQKELENIVVKERQNKKDTILMGLKVEVPWNYCDWASISFYDVRLESGILDMESIAVKYMTGCDIPPAVTLGITNK
DQEANFQRFKELTRNIDLTSLSFTCKEVICFPQSRASKELGANGRAVVMKLEASDDVKALRNVLFNVVPTPRDIFGPVLS
DPVWCPHVTIGYVRADDEDNKNSFIELAEAFRGSKIKVIGWCE
;
_entity_poly.pdbx_strand_id   A,B,C,D
#
# COMPACT_ATOMS: atom_id res chain seq x y z
N SER A 1 -13.67 -20.63 27.39
CA SER A 1 -15.06 -21.07 27.44
C SER A 1 -15.91 -20.09 28.27
N ALA A 2 -17.16 -19.90 27.84
CA ALA A 2 -18.06 -19.01 28.54
C ALA A 2 -18.61 -19.68 29.79
N THR A 3 -18.59 -18.95 30.91
CA THR A 3 -19.06 -19.48 32.18
C THR A 3 -20.58 -19.30 32.29
N THR A 4 -21.13 -19.75 33.43
CA THR A 4 -22.57 -19.60 33.66
C THR A 4 -22.97 -18.13 33.72
N ILE A 5 -22.17 -17.31 34.42
CA ILE A 5 -22.49 -15.89 34.53
C ILE A 5 -22.26 -15.19 33.20
N GLN A 6 -21.20 -15.57 32.47
CA GLN A 6 -20.94 -14.94 31.18
C GLN A 6 -22.05 -15.25 30.18
N LYS A 7 -22.56 -16.48 30.18
CA LYS A 7 -23.69 -16.82 29.32
C LYS A 7 -24.94 -16.06 29.74
N GLU A 8 -25.14 -15.87 31.05
CA GLU A 8 -26.28 -15.10 31.53
C GLU A 8 -26.12 -13.62 31.17
N LEU A 9 -24.89 -13.10 31.23
CA LEU A 9 -24.64 -11.72 30.84
C LEU A 9 -24.89 -11.50 29.35
N GLU A 10 -24.61 -12.51 28.52
CA GLU A 10 -24.91 -12.39 27.09
C GLU A 10 -26.42 -12.32 26.86
N ASN A 11 -27.21 -13.03 27.68
CA ASN A 11 -28.66 -12.90 27.59
C ASN A 11 -29.12 -11.50 27.94
N ILE A 12 -28.43 -10.85 28.88
CA ILE A 12 -28.79 -9.48 29.27
C ILE A 12 -28.46 -8.51 28.15
N VAL A 13 -27.31 -8.69 27.50
CA VAL A 13 -26.91 -7.79 26.41
C VAL A 13 -27.90 -7.91 25.26
N VAL A 14 -28.31 -9.13 24.92
CA VAL A 14 -29.25 -9.33 23.82
C VAL A 14 -30.59 -8.70 24.15
N LYS A 15 -31.11 -8.96 25.35
CA LYS A 15 -32.39 -8.39 25.74
C LYS A 15 -32.33 -6.88 25.87
N GLU A 16 -31.18 -6.34 26.31
CA GLU A 16 -31.02 -4.89 26.41
C GLU A 16 -31.12 -4.24 25.03
N ARG A 17 -30.51 -4.86 24.02
CA ARG A 17 -30.57 -4.30 22.67
C ARG A 17 -31.97 -4.47 22.06
N GLN A 18 -32.70 -5.50 22.47
CA GLN A 18 -34.05 -5.69 21.97
C GLN A 18 -35.02 -4.66 22.57
N ASN A 19 -34.90 -4.40 23.87
CA ASN A 19 -35.76 -3.43 24.53
C ASN A 19 -35.35 -2.00 24.25
N LYS A 20 -34.14 -1.77 23.74
CA LYS A 20 -33.65 -0.42 23.54
C LYS A 20 -34.38 0.24 22.37
N LYS A 21 -35.05 1.34 22.64
CA LYS A 21 -35.78 2.10 21.63
C LYS A 21 -35.56 3.58 21.89
N ASP A 22 -35.85 4.39 20.86
CA ASP A 22 -35.76 5.85 20.94
C ASP A 22 -34.35 6.30 21.33
N THR A 23 -33.39 5.96 20.48
CA THR A 23 -32.00 6.32 20.66
C THR A 23 -31.56 7.28 19.58
N ILE A 24 -30.44 7.95 19.82
CA ILE A 24 -29.85 8.89 18.88
C ILE A 24 -28.59 8.27 18.29
N LEU A 25 -28.27 8.68 17.06
CA LEU A 25 -27.10 8.17 16.35
C LEU A 25 -26.05 9.27 16.29
N MET A 26 -24.87 8.98 16.82
CA MET A 26 -23.72 9.88 16.74
C MET A 26 -22.82 9.33 15.64
N GLY A 27 -23.05 9.78 14.41
CA GLY A 27 -22.31 9.30 13.26
C GLY A 27 -21.89 10.45 12.36
N LEU A 28 -21.14 10.09 11.32
CA LEU A 28 -20.63 11.04 10.34
C LEU A 28 -21.24 10.74 8.99
N LYS A 29 -22.04 11.68 8.49
CA LYS A 29 -22.62 11.54 7.16
C LYS A 29 -21.52 11.58 6.11
N VAL A 30 -21.55 10.64 5.17
CA VAL A 30 -20.51 10.50 4.17
C VAL A 30 -21.14 10.37 2.79
N GLU A 31 -20.31 10.50 1.76
CA GLU A 31 -20.71 10.33 0.37
C GLU A 31 -20.04 9.08 -0.18
N VAL A 32 -20.85 8.17 -0.72
CA VAL A 32 -20.35 6.88 -1.20
C VAL A 32 -20.34 6.89 -2.73
N PRO A 33 -19.42 6.16 -3.36
CA PRO A 33 -19.38 6.14 -4.84
C PRO A 33 -20.32 5.13 -5.47
N TRP A 34 -20.98 4.29 -4.69
CA TRP A 34 -21.89 3.28 -5.22
C TRP A 34 -23.33 3.79 -5.19
N ASN A 35 -24.15 3.22 -6.07
CA ASN A 35 -25.54 3.65 -6.24
C ASN A 35 -26.47 2.47 -6.05
N TYR A 36 -27.77 2.78 -5.96
CA TYR A 36 -28.78 1.73 -5.81
C TYR A 36 -28.79 0.80 -7.01
N CYS A 37 -28.62 1.34 -8.22
CA CYS A 37 -28.66 0.52 -9.42
C CYS A 37 -27.47 -0.42 -9.50
N ASP A 38 -26.38 -0.14 -8.79
CA ASP A 38 -25.24 -1.06 -8.75
C ASP A 38 -25.62 -2.41 -8.16
N TRP A 39 -26.64 -2.47 -7.33
CA TRP A 39 -27.09 -3.72 -6.71
C TRP A 39 -28.43 -4.19 -7.27
N ALA A 40 -28.69 -3.91 -8.55
CA ALA A 40 -29.98 -4.23 -9.14
C ALA A 40 -30.22 -5.73 -9.19
N SER A 41 -29.17 -6.52 -9.36
CA SER A 41 -29.29 -7.98 -9.41
C SER A 41 -29.40 -8.62 -8.03
N ILE A 42 -29.34 -7.84 -6.96
CA ILE A 42 -29.32 -8.36 -5.60
C ILE A 42 -30.69 -8.21 -4.98
N SER A 43 -31.15 -9.26 -4.29
CA SER A 43 -32.37 -9.21 -3.51
C SER A 43 -32.04 -8.78 -2.08
N PHE A 44 -32.78 -7.81 -1.56
CA PHE A 44 -32.49 -7.22 -0.27
C PHE A 44 -33.58 -7.59 0.74
N TYR A 45 -33.19 -7.56 2.01
CA TYR A 45 -34.06 -7.92 3.12
C TYR A 45 -34.52 -6.64 3.82
N ASP A 46 -35.82 -6.35 3.76
CA ASP A 46 -36.41 -5.15 4.34
C ASP A 46 -37.48 -5.58 5.34
N VAL A 47 -37.24 -5.28 6.62
CA VAL A 47 -38.18 -5.69 7.67
C VAL A 47 -39.53 -5.00 7.49
N ARG A 48 -39.55 -3.82 6.86
CA ARG A 48 -40.82 -3.14 6.62
C ARG A 48 -41.72 -3.89 5.65
N LEU A 49 -41.15 -4.83 4.90
CA LEU A 49 -41.93 -5.66 3.98
C LEU A 49 -42.06 -7.10 4.45
N GLU A 50 -41.51 -7.44 5.62
CA GLU A 50 -41.49 -8.81 6.11
C GLU A 50 -42.59 -9.04 7.14
N SER A 51 -42.79 -10.32 7.46
CA SER A 51 -43.75 -10.75 8.46
C SER A 51 -43.03 -11.43 9.60
N GLY A 52 -43.74 -11.55 10.72
CA GLY A 52 -43.21 -12.22 11.89
C GLY A 52 -42.28 -11.40 12.75
N ILE A 53 -42.14 -10.11 12.48
CA ILE A 53 -41.29 -9.24 13.29
C ILE A 53 -42.05 -8.92 14.59
N LEU A 54 -41.44 -9.23 15.73
CA LEU A 54 -42.11 -9.11 17.01
C LEU A 54 -42.10 -7.69 17.56
N ASP A 55 -41.18 -6.83 17.10
CA ASP A 55 -41.10 -5.46 17.62
C ASP A 55 -40.41 -4.60 16.56
N MET A 56 -41.23 -3.95 15.72
CA MET A 56 -40.69 -3.11 14.66
C MET A 56 -39.97 -1.88 15.20
N GLU A 57 -40.22 -1.50 16.45
CA GLU A 57 -39.58 -0.31 17.03
C GLU A 57 -38.24 -0.62 17.69
N SER A 58 -37.89 -1.89 17.85
CA SER A 58 -36.61 -2.24 18.45
C SER A 58 -35.48 -1.91 17.48
N ILE A 59 -34.42 -1.27 18.00
CA ILE A 59 -33.30 -0.88 17.18
C ILE A 59 -32.54 -2.07 16.60
N ALA A 60 -32.81 -3.28 17.10
CA ALA A 60 -32.15 -4.47 16.58
C ALA A 60 -32.69 -4.93 15.24
N VAL A 61 -33.85 -4.41 14.82
CA VAL A 61 -34.44 -4.80 13.54
C VAL A 61 -34.95 -3.58 12.80
N LYS A 62 -35.07 -2.45 13.50
CA LYS A 62 -35.74 -1.29 12.93
C LYS A 62 -35.02 -0.77 11.68
N TYR A 63 -33.69 -0.79 11.68
CA TYR A 63 -32.91 -0.21 10.60
C TYR A 63 -32.46 -1.24 9.57
N MET A 64 -33.04 -2.44 9.58
CA MET A 64 -32.76 -3.45 8.56
C MET A 64 -33.69 -3.25 7.37
N THR A 65 -33.43 -2.19 6.63
CA THR A 65 -34.32 -1.77 5.55
C THR A 65 -33.68 -1.96 4.18
N GLY A 66 -33.24 -3.18 3.87
CA GLY A 66 -32.68 -3.46 2.56
C GLY A 66 -31.44 -2.62 2.31
N CYS A 67 -31.37 -2.02 1.13
CA CYS A 67 -30.30 -1.09 0.78
C CYS A 67 -30.72 0.35 0.96
N ASP A 68 -31.95 0.60 1.43
CA ASP A 68 -32.42 1.96 1.70
C ASP A 68 -31.81 2.44 3.02
N ILE A 69 -30.52 2.72 2.96
CA ILE A 69 -29.75 3.10 4.14
C ILE A 69 -29.01 4.40 3.86
N PRO A 70 -29.10 5.40 4.74
CA PRO A 70 -28.35 6.64 4.53
C PRO A 70 -26.85 6.39 4.63
N PRO A 71 -26.07 6.92 3.69
CA PRO A 71 -24.61 6.74 3.77
C PRO A 71 -24.01 7.46 4.97
N ALA A 72 -23.54 6.69 5.95
CA ALA A 72 -23.02 7.27 7.18
C ALA A 72 -22.09 6.27 7.85
N VAL A 73 -21.22 6.80 8.70
CA VAL A 73 -20.29 6.00 9.49
C VAL A 73 -20.63 6.21 10.95
N THR A 74 -21.18 5.19 11.60
CA THR A 74 -21.58 5.31 12.99
C THR A 74 -20.35 5.36 13.90
N LEU A 75 -20.32 6.35 14.79
CA LEU A 75 -19.29 6.40 15.83
C LEU A 75 -19.79 5.79 17.13
N GLY A 76 -21.04 6.06 17.50
CA GLY A 76 -21.60 5.50 18.71
C GLY A 76 -23.10 5.67 18.74
N ILE A 77 -23.74 4.85 19.56
CA ILE A 77 -25.18 4.88 19.78
C ILE A 77 -25.44 5.02 21.27
N THR A 78 -26.14 6.08 21.66
CA THR A 78 -26.43 6.33 23.06
C THR A 78 -27.93 6.62 23.23
N ASN A 79 -28.34 6.82 24.49
CA ASN A 79 -29.74 6.98 24.82
C ASN A 79 -30.22 8.39 24.47
N LYS A 80 -31.54 8.58 24.59
CA LYS A 80 -32.15 9.85 24.23
C LYS A 80 -31.83 10.94 25.24
N ASP A 81 -31.67 10.58 26.51
CA ASP A 81 -31.37 11.57 27.54
C ASP A 81 -29.99 12.20 27.38
N GLN A 82 -29.14 11.65 26.51
CA GLN A 82 -27.82 12.19 26.25
C GLN A 82 -27.79 13.16 25.08
N GLU A 83 -28.95 13.61 24.61
CA GLU A 83 -28.97 14.49 23.44
C GLU A 83 -28.41 15.86 23.75
N ALA A 84 -28.54 16.32 24.99
CA ALA A 84 -27.95 17.61 25.37
C ALA A 84 -26.42 17.52 25.40
N ASN A 85 -25.88 16.38 25.83
CA ASN A 85 -24.43 16.19 25.81
C ASN A 85 -23.90 16.11 24.39
N PHE A 86 -24.65 15.48 23.48
CA PHE A 86 -24.21 15.38 22.10
C PHE A 86 -24.28 16.73 21.40
N GLN A 87 -25.31 17.53 21.69
CA GLN A 87 -25.38 18.87 21.14
C GLN A 87 -24.25 19.74 21.69
N ARG A 88 -23.91 19.56 22.97
CA ARG A 88 -22.79 20.31 23.55
C ARG A 88 -21.47 19.88 22.95
N PHE A 89 -21.33 18.60 22.59
CA PHE A 89 -20.09 18.15 21.97
C PHE A 89 -19.94 18.70 20.56
N LYS A 90 -21.05 18.82 19.82
CA LYS A 90 -20.97 19.38 18.47
C LYS A 90 -20.61 20.87 18.52
N GLU A 91 -20.95 21.55 19.61
CA GLU A 91 -20.53 22.94 19.77
C GLU A 91 -19.10 23.05 20.27
N LEU A 92 -18.65 22.08 21.07
CA LEU A 92 -17.25 22.07 21.49
C LEU A 92 -16.32 21.80 20.32
N THR A 93 -16.78 21.07 19.31
CA THR A 93 -16.00 20.76 18.11
C THR A 93 -16.39 21.63 16.94
N ARG A 94 -16.80 22.88 17.19
CA ARG A 94 -17.25 23.75 16.11
C ARG A 94 -16.10 24.16 15.19
N ASN A 95 -14.87 24.24 15.71
CA ASN A 95 -13.72 24.63 14.92
C ASN A 95 -13.07 23.47 14.18
N ILE A 96 -13.63 22.26 14.28
CA ILE A 96 -13.08 21.10 13.60
C ILE A 96 -13.78 20.96 12.25
N ASP A 97 -12.99 20.94 11.18
CA ASP A 97 -13.52 20.81 9.82
C ASP A 97 -13.78 19.33 9.56
N LEU A 98 -15.04 18.92 9.73
CA LEU A 98 -15.41 17.53 9.49
C LEU A 98 -15.26 17.13 8.02
N THR A 99 -15.31 18.10 7.10
CA THR A 99 -15.16 17.79 5.69
C THR A 99 -13.74 17.37 5.34
N SER A 100 -12.75 17.71 6.18
CA SER A 100 -11.40 17.25 5.96
C SER A 100 -11.19 15.80 6.35
N LEU A 101 -12.07 15.25 7.19
CA LEU A 101 -11.99 13.84 7.56
C LEU A 101 -12.25 12.97 6.34
N SER A 102 -11.62 11.79 6.33
CA SER A 102 -11.69 10.91 5.18
C SER A 102 -11.51 9.47 5.61
N PHE A 103 -12.23 8.57 4.96
CA PHE A 103 -12.13 7.13 5.17
C PHE A 103 -11.61 6.47 3.91
N THR A 104 -11.22 5.20 4.04
CA THR A 104 -10.73 4.41 2.93
C THR A 104 -11.42 3.05 2.95
N CYS A 105 -12.11 2.72 1.86
CA CYS A 105 -12.78 1.42 1.76
C CYS A 105 -11.73 0.31 1.69
N LYS A 106 -11.77 -0.60 2.66
CA LYS A 106 -10.77 -1.66 2.73
C LYS A 106 -11.33 -3.00 2.29
N GLU A 107 -12.27 -3.56 3.05
CA GLU A 107 -12.79 -4.88 2.78
C GLU A 107 -14.31 -4.89 2.97
N VAL A 108 -14.97 -5.71 2.17
CA VAL A 108 -16.41 -5.93 2.30
C VAL A 108 -16.63 -7.05 3.29
N ILE A 109 -17.45 -6.79 4.32
CA ILE A 109 -17.70 -7.75 5.39
C ILE A 109 -19.20 -7.94 5.52
N CYS A 110 -19.63 -9.19 5.59
CA CYS A 110 -21.02 -9.53 5.93
C CYS A 110 -21.04 -9.91 7.40
N PHE A 111 -21.53 -8.99 8.23
CA PHE A 111 -21.60 -9.22 9.67
C PHE A 111 -22.43 -10.47 9.96
N PRO A 112 -22.11 -11.19 11.03
CA PRO A 112 -22.96 -12.32 11.44
C PRO A 112 -24.34 -11.84 11.85
N GLN A 113 -25.31 -12.73 11.73
CA GLN A 113 -26.67 -12.43 12.13
C GLN A 113 -26.74 -12.25 13.64
N SER A 114 -27.15 -11.08 14.09
CA SER A 114 -27.25 -10.82 15.52
C SER A 114 -28.38 -11.66 16.12
N ARG A 115 -28.12 -12.22 17.30
CA ARG A 115 -29.13 -13.03 17.96
C ARG A 115 -30.33 -12.18 18.38
N ALA A 116 -30.11 -10.89 18.65
CA ALA A 116 -31.21 -10.02 19.04
C ALA A 116 -32.22 -9.85 17.92
N SER A 117 -31.74 -9.71 16.68
CA SER A 117 -32.66 -9.57 15.56
C SER A 117 -33.33 -10.90 15.22
N LYS A 118 -32.58 -12.00 15.31
CA LYS A 118 -33.15 -13.30 14.97
C LYS A 118 -34.27 -13.69 15.92
N GLU A 119 -34.13 -13.33 17.21
CA GLU A 119 -35.18 -13.64 18.17
C GLU A 119 -36.44 -12.80 17.93
N LEU A 120 -36.28 -11.63 17.32
CA LEU A 120 -37.41 -10.76 17.00
C LEU A 120 -38.05 -11.08 15.67
N GLY A 121 -37.64 -12.18 15.02
CA GLY A 121 -38.23 -12.59 13.77
C GLY A 121 -37.52 -12.12 12.53
N ALA A 122 -36.34 -11.52 12.66
CA ALA A 122 -35.60 -11.04 11.50
C ALA A 122 -34.74 -12.15 10.91
N ASN A 123 -34.56 -12.09 9.59
CA ASN A 123 -33.78 -13.07 8.85
C ASN A 123 -32.87 -12.33 7.86
N GLY A 124 -32.03 -11.47 8.40
CA GLY A 124 -31.16 -10.65 7.57
C GLY A 124 -29.80 -10.47 8.21
N ARG A 125 -28.80 -10.35 7.34
CA ARG A 125 -27.42 -10.04 7.73
C ARG A 125 -26.98 -8.75 7.07
N ALA A 126 -26.12 -8.02 7.75
CA ALA A 126 -25.63 -6.72 7.26
C ALA A 126 -24.38 -6.92 6.43
N VAL A 127 -24.41 -6.45 5.19
CA VAL A 127 -23.23 -6.42 4.33
C VAL A 127 -22.70 -4.99 4.35
N VAL A 128 -21.51 -4.81 4.91
CA VAL A 128 -20.93 -3.48 5.11
C VAL A 128 -19.59 -3.41 4.40
N MET A 129 -19.08 -2.18 4.30
CA MET A 129 -17.74 -1.93 3.76
C MET A 129 -16.87 -1.44 4.91
N LYS A 130 -15.95 -2.28 5.36
CA LYS A 130 -15.04 -1.90 6.43
C LYS A 130 -14.12 -0.77 5.94
N LEU A 131 -13.92 0.21 6.81
CA LEU A 131 -13.15 1.40 6.47
C LEU A 131 -11.89 1.48 7.32
N GLU A 132 -10.88 2.15 6.79
CA GLU A 132 -9.69 2.51 7.55
C GLU A 132 -9.84 3.95 8.01
N ALA A 133 -10.04 4.14 9.31
CA ALA A 133 -10.21 5.46 9.88
C ALA A 133 -8.87 6.06 10.26
N SER A 134 -8.74 7.36 10.09
CA SER A 134 -7.52 8.06 10.45
C SER A 134 -7.48 8.32 11.96
N ASP A 135 -6.33 8.82 12.43
CA ASP A 135 -6.19 9.15 13.84
C ASP A 135 -7.14 10.27 14.25
N ASP A 136 -7.44 11.19 13.34
CA ASP A 136 -8.37 12.27 13.66
C ASP A 136 -9.77 11.73 13.95
N VAL A 137 -10.22 10.74 13.18
CA VAL A 137 -11.53 10.15 13.42
C VAL A 137 -11.53 9.34 14.71
N LYS A 138 -10.47 8.56 14.94
CA LYS A 138 -10.37 7.77 16.16
C LYS A 138 -10.32 8.66 17.40
N ALA A 139 -9.57 9.76 17.32
CA ALA A 139 -9.51 10.70 18.45
C ALA A 139 -10.84 11.41 18.64
N LEU A 140 -11.53 11.72 17.54
CA LEU A 140 -12.84 12.36 17.65
C LEU A 140 -13.85 11.43 18.33
N ARG A 141 -13.76 10.12 18.05
CA ARG A 141 -14.69 9.18 18.66
C ARG A 141 -14.38 8.95 20.13
N ASN A 142 -13.09 8.94 20.49
CA ASN A 142 -12.72 8.73 21.89
C ASN A 142 -13.12 9.92 22.75
N VAL A 143 -12.87 11.14 22.28
CA VAL A 143 -13.30 12.32 23.01
C VAL A 143 -14.82 12.39 23.06
N LEU A 144 -15.49 11.93 22.00
CA LEU A 144 -16.94 11.87 22.01
C LEU A 144 -17.46 11.01 23.17
N PHE A 145 -16.86 9.83 23.34
CA PHE A 145 -17.24 8.97 24.46
C PHE A 145 -16.85 9.54 25.81
N ASN A 146 -15.84 10.41 25.84
CA ASN A 146 -15.46 11.07 27.09
C ASN A 146 -16.45 12.17 27.48
N VAL A 147 -17.01 12.87 26.50
CA VAL A 147 -17.95 13.94 26.77
C VAL A 147 -19.38 13.41 26.86
N VAL A 148 -19.76 12.52 25.95
CA VAL A 148 -21.10 11.97 25.87
C VAL A 148 -21.03 10.51 26.35
N PRO A 149 -21.67 10.16 27.46
CA PRO A 149 -21.69 8.75 27.89
C PRO A 149 -22.38 7.87 26.86
N THR A 150 -21.67 6.85 26.40
CA THR A 150 -22.16 5.98 25.34
C THR A 150 -22.07 4.53 25.79
N PRO A 151 -23.12 3.73 25.57
CA PRO A 151 -23.04 2.30 25.93
C PRO A 151 -21.89 1.60 25.25
N ARG A 152 -21.27 0.68 25.97
CA ARG A 152 -20.17 -0.12 25.43
C ARG A 152 -20.69 -1.07 24.36
N ASP A 153 -20.00 -1.10 23.22
CA ASP A 153 -20.38 -2.02 22.15
C ASP A 153 -19.97 -3.43 22.52
N ILE A 154 -20.95 -4.33 22.64
CA ILE A 154 -20.69 -5.74 22.94
C ILE A 154 -21.39 -6.54 21.83
N PHE A 155 -20.67 -6.77 20.74
CA PHE A 155 -21.20 -7.56 19.62
C PHE A 155 -20.76 -9.02 19.66
N GLY A 156 -19.78 -9.36 20.49
CA GLY A 156 -19.34 -10.73 20.62
C GLY A 156 -19.44 -11.21 22.06
N PRO A 157 -18.45 -11.97 22.51
CA PRO A 157 -18.45 -12.42 23.91
C PRO A 157 -18.33 -11.24 24.87
N VAL A 158 -19.03 -11.34 26.00
CA VAL A 158 -19.03 -10.25 26.97
C VAL A 158 -17.66 -10.01 27.59
N LEU A 159 -16.78 -11.02 27.55
CA LEU A 159 -15.44 -10.86 28.12
C LEU A 159 -14.51 -10.13 27.16
N SER A 160 -14.77 -10.19 25.86
CA SER A 160 -13.87 -9.58 24.89
C SER A 160 -14.03 -8.06 24.88
N ASP A 161 -12.91 -7.37 24.73
CA ASP A 161 -12.95 -5.92 24.64
C ASP A 161 -13.47 -5.50 23.26
N PRO A 162 -14.22 -4.41 23.17
CA PRO A 162 -14.77 -4.00 21.87
C PRO A 162 -13.69 -3.51 20.93
N VAL A 163 -13.77 -3.96 19.67
CA VAL A 163 -12.89 -3.51 18.60
C VAL A 163 -13.75 -2.75 17.62
N TRP A 164 -13.57 -1.42 17.57
CA TRP A 164 -14.38 -0.61 16.67
C TRP A 164 -14.10 -0.99 15.21
N CYS A 165 -15.17 -1.32 14.49
CA CYS A 165 -15.09 -1.62 13.06
C CYS A 165 -15.77 -0.50 12.30
N PRO A 166 -15.07 0.58 11.97
CA PRO A 166 -15.69 1.65 11.19
C PRO A 166 -16.11 1.14 9.82
N HIS A 167 -17.36 1.40 9.45
CA HIS A 167 -17.93 0.82 8.26
C HIS A 167 -19.06 1.69 7.74
N VAL A 168 -19.40 1.47 6.47
CA VAL A 168 -20.62 2.00 5.87
C VAL A 168 -21.47 0.81 5.46
N THR A 169 -22.64 0.68 6.09
CA THR A 169 -23.54 -0.42 5.77
C THR A 169 -24.14 -0.19 4.39
N ILE A 170 -23.95 -1.15 3.49
CA ILE A 170 -24.45 -1.01 2.13
C ILE A 170 -25.87 -1.54 2.00
N GLY A 171 -26.16 -2.68 2.62
CA GLY A 171 -27.50 -3.24 2.56
C GLY A 171 -27.59 -4.53 3.35
N TYR A 172 -28.84 -4.92 3.62
CA TYR A 172 -29.14 -6.16 4.32
C TYR A 172 -29.69 -7.18 3.32
N VAL A 173 -29.24 -8.42 3.46
CA VAL A 173 -29.71 -9.52 2.63
C VAL A 173 -30.14 -10.67 3.54
N ARG A 174 -30.89 -11.61 2.97
CA ARG A 174 -31.34 -12.77 3.73
C ARG A 174 -30.16 -13.61 4.17
N ALA A 175 -30.27 -14.20 5.37
CA ALA A 175 -29.21 -15.03 5.92
C ALA A 175 -29.23 -16.45 5.37
N ASP A 176 -30.25 -16.82 4.60
CA ASP A 176 -30.38 -18.17 4.05
C ASP A 176 -30.34 -18.15 2.53
N ASP A 177 -29.46 -17.30 1.97
CA ASP A 177 -29.32 -17.19 0.52
C ASP A 177 -27.86 -16.86 0.23
N GLU A 178 -27.03 -17.90 0.13
CA GLU A 178 -25.59 -17.70 -0.03
C GLU A 178 -25.24 -17.13 -1.40
N ASP A 179 -25.93 -17.60 -2.44
CA ASP A 179 -25.64 -17.11 -3.79
C ASP A 179 -25.91 -15.61 -3.90
N ASN A 180 -27.02 -15.14 -3.35
CA ASN A 180 -27.32 -13.72 -3.36
C ASN A 180 -26.32 -12.94 -2.50
N LYS A 181 -25.88 -13.53 -1.39
CA LYS A 181 -24.91 -12.87 -0.53
C LYS A 181 -23.54 -12.78 -1.21
N ASN A 182 -23.08 -13.89 -1.79
CA ASN A 182 -21.77 -13.89 -2.44
C ASN A 182 -21.74 -12.96 -3.64
N SER A 183 -22.83 -12.90 -4.40
CA SER A 183 -22.88 -11.99 -5.55
C SER A 183 -22.87 -10.54 -5.09
N PHE A 184 -23.58 -10.24 -3.99
CA PHE A 184 -23.57 -8.88 -3.46
C PHE A 184 -22.17 -8.48 -3.00
N ILE A 185 -21.48 -9.38 -2.30
CA ILE A 185 -20.14 -9.07 -1.82
C ILE A 185 -19.19 -8.86 -2.99
N GLU A 186 -19.28 -9.70 -4.01
CA GLU A 186 -18.39 -9.55 -5.16
C GLU A 186 -18.60 -8.23 -5.87
N LEU A 187 -19.86 -7.79 -6.01
CA LEU A 187 -20.12 -6.50 -6.63
C LEU A 187 -19.66 -5.35 -5.74
N ALA A 188 -19.83 -5.49 -4.42
CA ALA A 188 -19.40 -4.44 -3.52
C ALA A 188 -17.89 -4.35 -3.42
N GLU A 189 -17.19 -5.47 -3.64
CA GLU A 189 -15.73 -5.45 -3.56
C GLU A 189 -15.08 -4.63 -4.65
N ALA A 190 -15.81 -4.32 -5.73
CA ALA A 190 -15.26 -3.49 -6.80
C ALA A 190 -14.98 -2.07 -6.34
N PHE A 191 -15.58 -1.63 -5.23
CA PHE A 191 -15.40 -0.29 -4.71
C PHE A 191 -14.33 -0.21 -3.62
N ARG A 192 -13.57 -1.29 -3.42
CA ARG A 192 -12.50 -1.26 -2.43
C ARG A 192 -11.41 -0.29 -2.87
N GLY A 193 -10.85 0.44 -1.90
CA GLY A 193 -9.87 1.46 -2.18
C GLY A 193 -10.45 2.84 -2.42
N SER A 194 -11.76 2.95 -2.61
CA SER A 194 -12.38 4.26 -2.82
C SER A 194 -12.26 5.11 -1.56
N LYS A 195 -11.91 6.38 -1.75
CA LYS A 195 -11.79 7.32 -0.64
C LYS A 195 -13.14 7.96 -0.39
N ILE A 196 -13.57 7.98 0.87
CA ILE A 196 -14.88 8.46 1.27
C ILE A 196 -14.72 9.76 2.04
N LYS A 197 -15.42 10.79 1.60
CA LYS A 197 -15.38 12.10 2.24
C LYS A 197 -16.54 12.26 3.21
N VAL A 198 -16.27 12.87 4.35
CA VAL A 198 -17.28 13.16 5.36
C VAL A 198 -17.88 14.53 5.07
N ILE A 199 -19.19 14.65 5.22
CA ILE A 199 -19.87 15.93 5.03
C ILE A 199 -20.30 16.58 6.34
N GLY A 200 -20.42 15.82 7.42
CA GLY A 200 -20.81 16.38 8.69
C GLY A 200 -21.55 15.35 9.52
N TRP A 201 -22.11 15.82 10.63
CA TRP A 201 -22.85 14.94 11.53
C TRP A 201 -24.14 14.48 10.87
N CYS A 202 -24.63 13.32 11.33
CA CYS A 202 -25.92 12.83 10.90
C CYS A 202 -27.03 13.57 11.64
N GLU A 203 -28.10 13.89 10.91
CA GLU A 203 -29.22 14.62 11.49
C GLU A 203 -30.50 13.79 11.42
N THR B 3 26.51 -35.84 -0.21
CA THR B 3 27.40 -36.79 -0.88
C THR B 3 26.64 -37.68 -1.84
N THR B 4 25.63 -38.38 -1.31
CA THR B 4 24.82 -39.26 -2.14
C THR B 4 23.93 -38.45 -3.08
N ILE B 5 23.39 -39.14 -4.09
CA ILE B 5 22.53 -38.47 -5.07
C ILE B 5 21.21 -38.07 -4.42
N GLN B 6 20.63 -38.95 -3.60
CA GLN B 6 19.34 -38.64 -2.99
C GLN B 6 19.45 -37.46 -2.02
N LYS B 7 20.58 -37.36 -1.30
CA LYS B 7 20.79 -36.20 -0.44
C LYS B 7 20.85 -34.92 -1.25
N GLU B 8 21.50 -34.97 -2.42
CA GLU B 8 21.53 -33.81 -3.30
C GLU B 8 20.13 -33.48 -3.83
N LEU B 9 19.29 -34.51 -4.04
CA LEU B 9 17.94 -34.27 -4.54
C LEU B 9 17.03 -33.74 -3.44
N GLU B 10 17.13 -34.29 -2.24
CA GLU B 10 16.37 -33.74 -1.12
C GLU B 10 16.71 -32.27 -0.88
N ASN B 11 17.99 -31.89 -1.05
CA ASN B 11 18.35 -30.49 -0.90
C ASN B 11 17.73 -29.61 -1.98
N ILE B 12 17.57 -30.16 -3.19
CA ILE B 12 16.93 -29.39 -4.26
C ILE B 12 15.45 -29.21 -3.96
N VAL B 13 14.82 -30.21 -3.34
CA VAL B 13 13.40 -30.09 -2.97
C VAL B 13 13.19 -28.94 -2.00
N VAL B 14 14.09 -28.80 -1.01
CA VAL B 14 13.96 -27.73 -0.04
C VAL B 14 14.22 -26.37 -0.69
N LYS B 15 15.19 -26.31 -1.59
CA LYS B 15 15.47 -25.05 -2.29
C LYS B 15 14.31 -24.64 -3.17
N GLU B 16 13.60 -25.60 -3.77
CA GLU B 16 12.47 -25.26 -4.64
C GLU B 16 11.31 -24.67 -3.84
N ARG B 17 11.18 -25.04 -2.56
CA ARG B 17 10.11 -24.49 -1.74
C ARG B 17 10.33 -23.00 -1.49
N GLN B 18 11.57 -22.59 -1.26
CA GLN B 18 11.90 -21.19 -0.99
C GLN B 18 12.12 -20.40 -2.28
N ASN B 19 11.19 -20.57 -3.23
CA ASN B 19 11.23 -19.86 -4.49
C ASN B 19 9.94 -19.05 -4.66
N LYS B 20 10.04 -17.94 -5.39
CA LYS B 20 8.89 -17.09 -5.66
C LYS B 20 7.97 -17.80 -6.64
N LYS B 21 6.79 -18.21 -6.17
CA LYS B 21 5.86 -19.01 -6.95
C LYS B 21 4.65 -18.15 -7.33
N ASP B 22 4.47 -17.93 -8.64
CA ASP B 22 3.26 -17.32 -9.16
C ASP B 22 2.38 -18.46 -9.65
N THR B 23 1.35 -18.80 -8.86
CA THR B 23 0.56 -19.99 -9.08
C THR B 23 -0.91 -19.63 -9.27
N ILE B 24 -1.66 -20.60 -9.81
CA ILE B 24 -3.10 -20.48 -9.98
C ILE B 24 -3.76 -21.64 -9.26
N LEU B 25 -5.01 -21.44 -8.86
CA LEU B 25 -5.78 -22.44 -8.13
C LEU B 25 -6.75 -23.10 -9.09
N MET B 26 -6.66 -24.42 -9.21
CA MET B 26 -7.57 -25.21 -10.04
C MET B 26 -8.54 -25.93 -9.10
N GLY B 27 -9.75 -25.38 -8.97
CA GLY B 27 -10.72 -25.93 -8.05
C GLY B 27 -12.11 -25.97 -8.66
N LEU B 28 -13.03 -26.59 -7.91
CA LEU B 28 -14.41 -26.73 -8.31
C LEU B 28 -15.31 -26.04 -7.29
N LYS B 29 -16.20 -25.18 -7.79
CA LYS B 29 -17.21 -24.60 -6.91
C LYS B 29 -18.25 -25.66 -6.56
N VAL B 30 -18.57 -25.76 -5.28
CA VAL B 30 -19.43 -26.83 -4.79
C VAL B 30 -20.60 -26.23 -4.02
N GLU B 31 -21.56 -27.09 -3.67
CA GLU B 31 -22.68 -26.74 -2.82
C GLU B 31 -22.61 -27.61 -1.57
N VAL B 32 -22.55 -26.96 -0.41
CA VAL B 32 -22.41 -27.68 0.86
C VAL B 32 -23.79 -28.00 1.43
N PRO B 33 -23.96 -29.13 2.11
CA PRO B 33 -25.28 -29.44 2.69
C PRO B 33 -25.61 -28.64 3.94
N TRP B 34 -24.62 -28.07 4.61
CA TRP B 34 -24.85 -27.30 5.82
C TRP B 34 -25.17 -25.85 5.48
N ASN B 35 -26.09 -25.27 6.23
CA ASN B 35 -26.53 -23.89 6.05
C ASN B 35 -26.01 -23.02 7.20
N TYR B 36 -26.27 -21.72 7.09
CA TYR B 36 -25.81 -20.79 8.11
C TYR B 36 -26.53 -21.02 9.43
N CYS B 37 -27.82 -21.38 9.39
CA CYS B 37 -28.58 -21.61 10.61
C CYS B 37 -28.13 -22.84 11.37
N ASP B 38 -27.30 -23.70 10.77
CA ASP B 38 -26.80 -24.87 11.46
C ASP B 38 -25.80 -24.54 12.55
N TRP B 39 -25.16 -23.37 12.47
CA TRP B 39 -24.19 -22.92 13.46
C TRP B 39 -24.71 -21.72 14.24
N ALA B 40 -26.00 -21.72 14.60
CA ALA B 40 -26.59 -20.59 15.28
C ALA B 40 -26.01 -20.39 16.69
N SER B 41 -25.48 -21.44 17.30
CA SER B 41 -24.92 -21.36 18.64
C SER B 41 -23.39 -21.33 18.64
N ILE B 42 -22.77 -21.11 17.49
CA ILE B 42 -21.32 -21.16 17.36
C ILE B 42 -20.80 -19.75 17.15
N SER B 43 -19.76 -19.40 17.91
CA SER B 43 -19.07 -18.11 17.75
C SER B 43 -17.88 -18.30 16.82
N PHE B 44 -17.88 -17.55 15.71
CA PHE B 44 -16.84 -17.68 14.70
C PHE B 44 -15.80 -16.57 14.83
N TYR B 45 -14.63 -16.84 14.27
CA TYR B 45 -13.47 -15.95 14.35
C TYR B 45 -13.25 -15.30 12.98
N ASP B 46 -13.55 -14.01 12.88
CA ASP B 46 -13.31 -13.22 11.68
C ASP B 46 -12.13 -12.29 11.99
N VAL B 47 -11.01 -12.53 11.31
CA VAL B 47 -9.79 -11.77 11.57
C VAL B 47 -9.97 -10.29 11.22
N ARG B 48 -10.91 -9.97 10.32
CA ARG B 48 -11.14 -8.59 9.94
C ARG B 48 -11.80 -7.79 11.06
N LEU B 49 -12.45 -8.47 12.00
CA LEU B 49 -13.08 -7.80 13.15
C LEU B 49 -12.17 -7.77 14.37
N GLU B 50 -10.94 -8.26 14.25
CA GLU B 50 -10.01 -8.34 15.36
C GLU B 50 -9.02 -7.18 15.31
N SER B 51 -8.40 -6.92 16.45
CA SER B 51 -7.34 -5.92 16.58
C SER B 51 -6.00 -6.61 16.75
N GLY B 52 -4.93 -5.82 16.63
CA GLY B 52 -3.60 -6.35 16.78
C GLY B 52 -3.10 -7.20 15.63
N ILE B 53 -3.79 -7.20 14.49
CA ILE B 53 -3.35 -7.95 13.32
C ILE B 53 -2.28 -7.12 12.60
N LEU B 54 -1.10 -7.72 12.40
CA LEU B 54 0.01 -6.97 11.82
C LEU B 54 -0.14 -6.80 10.31
N ASP B 55 -0.60 -7.83 9.61
CA ASP B 55 -0.73 -7.78 8.16
C ASP B 55 -2.06 -8.42 7.77
N MET B 56 -3.00 -7.60 7.30
CA MET B 56 -4.31 -8.11 6.89
C MET B 56 -4.26 -8.75 5.51
N GLU B 57 -3.47 -8.19 4.60
CA GLU B 57 -3.40 -8.68 3.23
C GLU B 57 -2.54 -9.93 3.08
N SER B 58 -1.93 -10.41 4.16
CA SER B 58 -1.14 -11.63 4.08
C SER B 58 -2.05 -12.84 3.87
N ILE B 59 -1.58 -13.79 3.06
CA ILE B 59 -2.37 -14.98 2.76
C ILE B 59 -2.51 -15.90 3.96
N ALA B 60 -1.76 -15.66 5.04
CA ALA B 60 -1.86 -16.50 6.23
C ALA B 60 -3.11 -16.19 7.06
N VAL B 61 -3.67 -14.99 6.92
CA VAL B 61 -4.84 -14.61 7.70
C VAL B 61 -6.00 -14.11 6.84
N LYS B 62 -5.78 -13.78 5.56
CA LYS B 62 -6.82 -13.12 4.78
C LYS B 62 -8.04 -14.00 4.55
N TYR B 63 -7.91 -15.32 4.66
CA TYR B 63 -9.04 -16.21 4.44
C TYR B 63 -9.78 -16.58 5.73
N MET B 64 -9.38 -16.01 6.86
CA MET B 64 -10.05 -16.29 8.14
C MET B 64 -11.28 -15.39 8.28
N THR B 65 -12.28 -15.68 7.46
CA THR B 65 -13.49 -14.88 7.40
C THR B 65 -14.65 -15.54 8.14
N GLY B 66 -14.39 -16.00 9.35
CA GLY B 66 -15.45 -16.62 10.14
C GLY B 66 -15.96 -17.88 9.47
N CYS B 67 -17.27 -17.93 9.24
CA CYS B 67 -17.90 -19.03 8.53
C CYS B 67 -18.30 -18.64 7.11
N ASP B 68 -18.03 -17.41 6.68
CA ASP B 68 -18.32 -16.97 5.32
C ASP B 68 -17.18 -17.45 4.42
N ILE B 69 -17.22 -18.73 4.09
CA ILE B 69 -16.18 -19.40 3.31
C ILE B 69 -16.73 -19.66 1.93
N PRO B 70 -16.01 -19.30 0.86
CA PRO B 70 -16.47 -19.64 -0.50
C PRO B 70 -16.49 -21.14 -0.70
N PRO B 71 -17.65 -21.70 -1.06
CA PRO B 71 -17.73 -23.16 -1.23
C PRO B 71 -16.95 -23.66 -2.44
N ALA B 72 -15.70 -24.07 -2.21
CA ALA B 72 -14.86 -24.55 -3.29
C ALA B 72 -13.98 -25.68 -2.77
N VAL B 73 -13.60 -26.57 -3.68
CA VAL B 73 -12.69 -27.68 -3.38
C VAL B 73 -11.55 -27.64 -4.39
N THR B 74 -10.32 -27.56 -3.90
CA THR B 74 -9.16 -27.47 -4.77
C THR B 74 -8.76 -28.84 -5.28
N LEU B 75 -8.55 -28.94 -6.59
CA LEU B 75 -8.02 -30.16 -7.20
C LEU B 75 -6.50 -30.13 -7.32
N GLY B 76 -5.92 -28.96 -7.53
CA GLY B 76 -4.48 -28.85 -7.65
C GLY B 76 -4.08 -27.40 -7.80
N ILE B 77 -2.79 -27.16 -7.62
CA ILE B 77 -2.20 -25.83 -7.75
C ILE B 77 -1.01 -25.94 -8.70
N THR B 78 -1.04 -25.18 -9.79
CA THR B 78 0.03 -25.17 -10.78
C THR B 78 0.46 -23.73 -11.02
N ASN B 79 1.51 -23.55 -11.82
CA ASN B 79 2.10 -22.25 -12.03
C ASN B 79 1.18 -21.35 -12.87
N LYS B 80 1.48 -20.05 -12.86
CA LYS B 80 0.65 -19.07 -13.55
C LYS B 80 0.67 -19.27 -15.05
N ASP B 81 1.83 -19.66 -15.61
CA ASP B 81 1.96 -19.82 -17.05
C ASP B 81 1.16 -20.99 -17.60
N GLN B 82 0.60 -21.83 -16.74
CA GLN B 82 -0.23 -22.95 -17.16
C GLN B 82 -1.71 -22.58 -17.30
N GLU B 83 -2.03 -21.28 -17.22
CA GLU B 83 -3.44 -20.88 -17.26
C GLU B 83 -4.06 -21.18 -18.61
N ALA B 84 -3.30 -21.05 -19.70
CA ALA B 84 -3.83 -21.40 -21.02
C ALA B 84 -4.14 -22.88 -21.11
N ASN B 85 -3.31 -23.73 -20.52
CA ASN B 85 -3.59 -25.16 -20.50
C ASN B 85 -4.82 -25.46 -19.64
N PHE B 86 -4.99 -24.73 -18.54
CA PHE B 86 -6.17 -24.89 -17.71
C PHE B 86 -7.43 -24.51 -18.48
N GLN B 87 -7.34 -23.48 -19.31
CA GLN B 87 -8.50 -23.07 -20.10
C GLN B 87 -8.85 -24.11 -21.15
N ARG B 88 -7.83 -24.72 -21.78
CA ARG B 88 -8.10 -25.78 -22.75
C ARG B 88 -8.84 -26.94 -22.11
N PHE B 89 -8.43 -27.33 -20.89
CA PHE B 89 -9.06 -28.46 -20.22
C PHE B 89 -10.52 -28.16 -19.89
N LYS B 90 -10.83 -26.90 -19.54
CA LYS B 90 -12.21 -26.53 -19.29
C LYS B 90 -13.06 -26.68 -20.56
N GLU B 91 -12.50 -26.33 -21.72
CA GLU B 91 -13.22 -26.51 -22.97
C GLU B 91 -13.28 -27.97 -23.39
N LEU B 92 -12.23 -28.75 -23.07
CA LEU B 92 -12.23 -30.16 -23.42
C LEU B 92 -13.26 -30.95 -22.61
N THR B 93 -13.66 -30.46 -21.43
CA THR B 93 -14.64 -31.13 -20.59
C THR B 93 -16.05 -30.56 -20.77
N ARG B 94 -16.33 -29.98 -21.94
CA ARG B 94 -17.65 -29.41 -22.17
C ARG B 94 -18.74 -30.47 -22.22
N ASN B 95 -18.42 -31.67 -22.72
CA ASN B 95 -19.37 -32.77 -22.79
C ASN B 95 -19.44 -33.57 -21.51
N ILE B 96 -18.95 -33.03 -20.40
CA ILE B 96 -18.99 -33.70 -19.10
C ILE B 96 -19.94 -32.92 -18.20
N ASP B 97 -20.95 -33.61 -17.68
CA ASP B 97 -21.90 -33.00 -16.75
C ASP B 97 -21.22 -32.91 -15.39
N LEU B 98 -20.67 -31.74 -15.07
CA LEU B 98 -19.97 -31.55 -13.80
C LEU B 98 -20.92 -31.57 -12.61
N THR B 99 -22.23 -31.39 -12.83
CA THR B 99 -23.18 -31.39 -11.72
C THR B 99 -23.40 -32.79 -11.15
N SER B 100 -23.08 -33.84 -11.90
CA SER B 100 -23.21 -35.20 -11.38
C SER B 100 -22.04 -35.61 -10.50
N LEU B 101 -20.95 -34.83 -10.49
CA LEU B 101 -19.82 -35.12 -9.63
C LEU B 101 -20.14 -34.73 -8.19
N SER B 102 -19.45 -35.38 -7.25
CA SER B 102 -19.71 -35.12 -5.85
C SER B 102 -18.54 -35.59 -5.00
N PHE B 103 -18.50 -35.10 -3.77
CA PHE B 103 -17.62 -35.58 -2.71
C PHE B 103 -18.48 -36.14 -1.58
N THR B 104 -17.84 -36.87 -0.68
CA THR B 104 -18.51 -37.41 0.51
C THR B 104 -17.76 -36.95 1.74
N CYS B 105 -18.49 -36.38 2.70
CA CYS B 105 -17.89 -35.89 3.93
C CYS B 105 -17.34 -37.06 4.75
N LYS B 106 -16.04 -37.04 5.02
CA LYS B 106 -15.37 -38.13 5.72
C LYS B 106 -15.23 -37.86 7.21
N GLU B 107 -14.56 -36.76 7.58
CA GLU B 107 -14.35 -36.46 8.99
C GLU B 107 -14.09 -34.97 9.14
N VAL B 108 -14.34 -34.48 10.35
CA VAL B 108 -14.10 -33.08 10.71
C VAL B 108 -12.73 -32.98 11.37
N ILE B 109 -11.92 -32.05 10.89
CA ILE B 109 -10.56 -31.84 11.40
C ILE B 109 -10.38 -30.35 11.67
N CYS B 110 -9.86 -30.02 12.85
CA CYS B 110 -9.51 -28.64 13.19
C CYS B 110 -8.00 -28.51 13.06
N PHE B 111 -7.55 -27.90 11.97
CA PHE B 111 -6.12 -27.79 11.69
C PHE B 111 -5.43 -27.00 12.80
N PRO B 112 -4.16 -27.31 13.08
CA PRO B 112 -3.43 -26.56 14.10
C PRO B 112 -3.24 -25.10 13.68
N GLN B 113 -3.10 -24.24 14.67
CA GLN B 113 -2.87 -22.82 14.41
C GLN B 113 -1.54 -22.64 13.68
N SER B 114 -1.59 -22.06 12.49
CA SER B 114 -0.42 -21.97 11.64
C SER B 114 0.64 -21.05 12.24
N ARG B 115 1.90 -21.32 11.88
CA ARG B 115 3.01 -20.51 12.38
C ARG B 115 2.95 -19.09 11.83
N ALA B 116 2.63 -18.95 10.55
CA ALA B 116 2.65 -17.63 9.93
C ALA B 116 1.56 -16.73 10.48
N SER B 117 0.36 -17.28 10.73
CA SER B 117 -0.74 -16.48 11.21
C SER B 117 -0.59 -16.12 12.69
N LYS B 118 0.04 -16.99 13.48
CA LYS B 118 0.21 -16.70 14.90
C LYS B 118 1.13 -15.51 15.11
N GLU B 119 2.22 -15.43 14.34
CA GLU B 119 3.13 -14.30 14.46
C GLU B 119 2.49 -12.99 14.02
N LEU B 120 1.41 -13.05 13.24
CA LEU B 120 0.69 -11.87 12.80
C LEU B 120 -0.41 -11.45 13.77
N GLY B 121 -0.45 -12.04 14.97
CA GLY B 121 -1.43 -11.68 15.97
C GLY B 121 -2.75 -12.39 15.85
N ALA B 122 -2.95 -13.21 14.83
CA ALA B 122 -4.21 -13.93 14.68
C ALA B 122 -4.35 -14.99 15.76
N ASN B 123 -5.60 -15.34 16.06
CA ASN B 123 -5.92 -16.33 17.09
C ASN B 123 -7.09 -17.20 16.61
N GLY B 124 -6.95 -17.78 15.42
CA GLY B 124 -8.00 -18.58 14.84
C GLY B 124 -7.46 -19.88 14.29
N ARG B 125 -8.35 -20.87 14.21
CA ARG B 125 -8.05 -22.17 13.65
C ARG B 125 -9.09 -22.53 12.60
N ALA B 126 -8.67 -23.29 11.60
CA ALA B 126 -9.55 -23.71 10.52
C ALA B 126 -10.21 -25.04 10.86
N VAL B 127 -11.53 -25.09 10.76
CA VAL B 127 -12.30 -26.31 10.94
C VAL B 127 -12.77 -26.74 9.56
N VAL B 128 -12.19 -27.82 9.04
CA VAL B 128 -12.46 -28.28 7.70
C VAL B 128 -13.15 -29.63 7.75
N MET B 129 -13.81 -29.98 6.65
CA MET B 129 -14.45 -31.27 6.48
C MET B 129 -13.63 -32.08 5.47
N LYS B 130 -12.99 -33.14 5.96
CA LYS B 130 -12.26 -34.03 5.06
C LYS B 130 -13.23 -34.68 4.06
N LEU B 131 -12.85 -34.67 2.79
CA LEU B 131 -13.71 -35.14 1.73
C LEU B 131 -13.10 -36.35 1.04
N GLU B 132 -13.97 -37.26 0.60
CA GLU B 132 -13.58 -38.38 -0.24
C GLU B 132 -14.23 -38.16 -1.61
N ALA B 133 -13.41 -37.92 -2.62
CA ALA B 133 -13.93 -37.68 -3.95
C ALA B 133 -14.47 -38.97 -4.56
N SER B 134 -15.51 -38.83 -5.37
CA SER B 134 -16.01 -39.96 -6.13
C SER B 134 -15.00 -40.35 -7.20
N ASP B 135 -15.21 -41.53 -7.79
CA ASP B 135 -14.29 -42.01 -8.83
C ASP B 135 -14.27 -41.08 -10.03
N ASP B 136 -15.43 -40.50 -10.37
CA ASP B 136 -15.47 -39.56 -11.49
C ASP B 136 -14.69 -38.28 -11.19
N VAL B 137 -14.69 -37.83 -9.94
CA VAL B 137 -13.90 -36.66 -9.58
C VAL B 137 -12.41 -36.99 -9.61
N LYS B 138 -12.04 -38.15 -9.05
CA LYS B 138 -10.65 -38.57 -9.09
C LYS B 138 -10.15 -38.71 -10.52
N ALA B 139 -10.99 -39.24 -11.41
CA ALA B 139 -10.60 -39.37 -12.80
C ALA B 139 -10.48 -38.01 -13.47
N LEU B 140 -11.38 -37.08 -13.15
CA LEU B 140 -11.29 -35.74 -13.70
C LEU B 140 -9.99 -35.06 -13.28
N ARG B 141 -9.61 -35.21 -12.01
CA ARG B 141 -8.36 -34.61 -11.54
C ARG B 141 -7.15 -35.26 -12.19
N ASN B 142 -7.22 -36.58 -12.44
CA ASN B 142 -6.12 -37.26 -13.12
C ASN B 142 -5.94 -36.73 -14.54
N VAL B 143 -7.03 -36.56 -15.27
CA VAL B 143 -6.93 -35.99 -16.61
C VAL B 143 -6.58 -34.51 -16.54
N LEU B 144 -7.00 -33.82 -15.48
CA LEU B 144 -6.58 -32.44 -15.27
C LEU B 144 -5.06 -32.33 -15.22
N PHE B 145 -4.40 -33.24 -14.51
CA PHE B 145 -2.94 -33.24 -14.45
C PHE B 145 -2.31 -33.76 -15.73
N ASN B 146 -3.08 -34.43 -16.59
CA ASN B 146 -2.56 -34.88 -17.87
C ASN B 146 -2.56 -33.76 -18.91
N VAL B 147 -3.55 -32.87 -18.86
CA VAL B 147 -3.63 -31.76 -19.79
C VAL B 147 -2.91 -30.53 -19.24
N VAL B 148 -2.98 -30.31 -17.93
CA VAL B 148 -2.38 -29.16 -17.27
C VAL B 148 -1.18 -29.65 -16.47
N PRO B 149 0.05 -29.39 -16.89
CA PRO B 149 1.22 -29.80 -16.11
C PRO B 149 1.21 -29.14 -14.74
N THR B 150 1.25 -29.99 -13.70
CA THR B 150 1.18 -29.54 -12.32
C THR B 150 2.38 -30.12 -11.56
N PRO B 151 3.08 -29.32 -10.77
CA PRO B 151 4.24 -29.85 -10.04
C PRO B 151 3.85 -30.97 -9.09
N ARG B 152 4.74 -31.96 -8.99
CA ARG B 152 4.53 -33.09 -8.09
C ARG B 152 4.79 -32.67 -6.65
N ASP B 153 3.83 -32.93 -5.78
CA ASP B 153 3.99 -32.57 -4.37
C ASP B 153 4.99 -33.50 -3.70
N ILE B 154 6.00 -32.90 -3.06
CA ILE B 154 7.00 -33.64 -2.29
C ILE B 154 7.11 -32.94 -0.94
N PHE B 155 6.38 -33.45 0.06
CA PHE B 155 6.38 -32.85 1.38
C PHE B 155 7.21 -33.63 2.40
N GLY B 156 7.49 -34.90 2.14
CA GLY B 156 8.31 -35.70 3.01
C GLY B 156 9.42 -36.40 2.26
N PRO B 157 9.42 -37.73 2.31
CA PRO B 157 10.44 -38.49 1.57
C PRO B 157 10.28 -38.33 0.08
N VAL B 158 11.40 -38.34 -0.63
CA VAL B 158 11.39 -38.16 -2.08
C VAL B 158 10.75 -39.36 -2.76
N LEU B 159 11.00 -40.57 -2.25
CA LEU B 159 10.48 -41.78 -2.86
C LEU B 159 9.01 -42.02 -2.55
N SER B 160 8.39 -41.20 -1.72
CA SER B 160 7.00 -41.39 -1.35
C SER B 160 6.07 -40.78 -2.41
N ASP B 161 4.96 -41.46 -2.67
CA ASP B 161 3.98 -40.93 -3.61
C ASP B 161 3.00 -40.00 -2.88
N PRO B 162 2.63 -38.88 -3.49
CA PRO B 162 1.69 -37.97 -2.84
C PRO B 162 0.28 -38.56 -2.80
N VAL B 163 -0.42 -38.25 -1.71
CA VAL B 163 -1.79 -38.70 -1.49
C VAL B 163 -2.69 -37.48 -1.47
N TRP B 164 -3.71 -37.49 -2.32
CA TRP B 164 -4.66 -36.38 -2.39
C TRP B 164 -5.64 -36.48 -1.23
N CYS B 165 -5.73 -35.41 -0.44
CA CYS B 165 -6.65 -35.34 0.70
C CYS B 165 -7.49 -34.07 0.57
N PRO B 166 -8.52 -34.11 -0.26
CA PRO B 166 -9.35 -32.90 -0.45
C PRO B 166 -10.16 -32.59 0.80
N HIS B 167 -10.49 -31.31 0.95
CA HIS B 167 -11.29 -30.85 2.07
C HIS B 167 -11.96 -29.53 1.69
N VAL B 168 -12.98 -29.17 2.45
CA VAL B 168 -13.67 -27.90 2.30
C VAL B 168 -13.75 -27.23 3.66
N THR B 169 -13.30 -25.98 3.73
CA THR B 169 -13.31 -25.25 4.99
C THR B 169 -14.73 -24.88 5.38
N ILE B 170 -15.10 -25.19 6.62
CA ILE B 170 -16.44 -24.88 7.12
C ILE B 170 -16.45 -23.51 7.79
N GLY B 171 -15.49 -23.24 8.66
CA GLY B 171 -15.44 -21.97 9.34
C GLY B 171 -14.24 -21.90 10.27
N TYR B 172 -13.89 -20.67 10.64
CA TYR B 172 -12.79 -20.40 11.54
C TYR B 172 -13.33 -20.04 12.92
N VAL B 173 -12.78 -20.67 13.95
CA VAL B 173 -13.15 -20.40 15.33
C VAL B 173 -11.91 -19.96 16.10
N ARG B 174 -12.13 -19.43 17.30
CA ARG B 174 -11.02 -18.93 18.10
C ARG B 174 -10.23 -20.10 18.68
N ALA B 175 -8.91 -19.91 18.79
CA ALA B 175 -8.04 -20.99 19.24
C ALA B 175 -8.14 -21.23 20.74
N ASP B 176 -8.50 -20.20 21.51
CA ASP B 176 -8.57 -20.34 22.96
C ASP B 176 -10.02 -20.42 23.43
N ASP B 177 -10.77 -21.40 22.92
CA ASP B 177 -12.16 -21.60 23.33
C ASP B 177 -12.52 -23.05 22.97
N GLU B 178 -12.33 -23.94 23.93
CA GLU B 178 -12.50 -25.37 23.66
C GLU B 178 -13.97 -25.74 23.49
N ASP B 179 -14.84 -25.25 24.38
CA ASP B 179 -16.25 -25.63 24.32
C ASP B 179 -16.89 -25.18 23.02
N ASN B 180 -16.60 -23.95 22.57
CA ASN B 180 -17.15 -23.47 21.31
C ASN B 180 -16.54 -24.20 20.12
N LYS B 181 -15.27 -24.60 20.23
CA LYS B 181 -14.64 -25.35 19.15
C LYS B 181 -15.19 -26.77 19.07
N ASN B 182 -15.25 -27.46 20.21
CA ASN B 182 -15.73 -28.84 20.21
C ASN B 182 -17.21 -28.92 19.86
N SER B 183 -18.01 -27.91 20.26
CA SER B 183 -19.41 -27.88 19.86
C SER B 183 -19.56 -27.69 18.36
N PHE B 184 -18.67 -26.87 17.77
CA PHE B 184 -18.67 -26.72 16.32
C PHE B 184 -18.34 -28.04 15.63
N ILE B 185 -17.35 -28.76 16.14
CA ILE B 185 -16.97 -30.04 15.55
C ILE B 185 -18.13 -31.04 15.65
N GLU B 186 -18.78 -31.10 16.81
CA GLU B 186 -19.90 -32.03 16.98
C GLU B 186 -21.07 -31.67 16.07
N LEU B 187 -21.34 -30.37 15.91
CA LEU B 187 -22.40 -29.96 14.99
C LEU B 187 -22.06 -30.30 13.55
N ALA B 188 -20.77 -30.22 13.20
CA ALA B 188 -20.35 -30.54 11.84
C ALA B 188 -20.20 -32.03 11.60
N GLU B 189 -19.92 -32.81 12.66
CA GLU B 189 -19.79 -34.26 12.51
C GLU B 189 -21.11 -34.92 12.13
N ALA B 190 -22.24 -34.26 12.37
CA ALA B 190 -23.53 -34.78 11.94
C ALA B 190 -23.69 -34.81 10.43
N PHE B 191 -22.83 -34.10 9.70
CA PHE B 191 -22.86 -34.09 8.24
C PHE B 191 -21.91 -35.11 7.61
N ARG B 192 -21.25 -35.94 8.43
CA ARG B 192 -20.41 -37.00 7.88
C ARG B 192 -21.28 -38.00 7.11
N GLY B 193 -20.93 -38.24 5.86
CA GLY B 193 -21.69 -39.09 4.98
C GLY B 193 -22.54 -38.35 3.97
N SER B 194 -22.79 -37.06 4.17
CA SER B 194 -23.54 -36.27 3.21
C SER B 194 -22.70 -35.98 1.98
N LYS B 195 -23.38 -35.58 0.91
CA LYS B 195 -22.74 -35.34 -0.38
C LYS B 195 -22.35 -33.88 -0.54
N ILE B 196 -21.20 -33.65 -1.17
CA ILE B 196 -20.74 -32.32 -1.55
C ILE B 196 -20.94 -32.22 -3.06
N LYS B 197 -22.06 -31.62 -3.47
CA LYS B 197 -22.41 -31.56 -4.88
C LYS B 197 -21.58 -30.51 -5.61
N VAL B 198 -21.12 -30.86 -6.80
CA VAL B 198 -20.27 -29.99 -7.61
C VAL B 198 -21.14 -29.13 -8.51
N ILE B 199 -20.78 -27.87 -8.66
CA ILE B 199 -21.49 -26.94 -9.53
C ILE B 199 -20.73 -26.67 -10.82
N GLY B 200 -19.42 -26.46 -10.73
CA GLY B 200 -18.62 -26.22 -11.92
C GLY B 200 -17.22 -25.77 -11.55
N TRP B 201 -16.52 -25.22 -12.54
CA TRP B 201 -15.17 -24.71 -12.32
C TRP B 201 -15.23 -23.34 -11.64
N CYS B 202 -14.34 -23.13 -10.67
CA CYS B 202 -14.24 -21.86 -9.98
C CYS B 202 -14.01 -20.73 -10.97
N GLU B 203 -14.99 -19.85 -11.12
CA GLU B 203 -14.91 -18.75 -12.06
C GLU B 203 -13.85 -17.74 -11.64
N THR C 3 23.68 -9.63 37.58
CA THR C 3 23.78 -8.40 36.80
C THR C 3 23.97 -7.19 37.72
N THR C 4 25.06 -6.46 37.52
CA THR C 4 25.33 -5.28 38.33
C THR C 4 24.41 -4.13 37.91
N ILE C 5 24.58 -2.98 38.56
CA ILE C 5 23.72 -1.83 38.29
C ILE C 5 23.98 -1.28 36.91
N GLN C 6 25.26 -1.09 36.55
CA GLN C 6 25.59 -0.51 35.26
C GLN C 6 25.22 -1.45 34.12
N LYS C 7 25.42 -2.75 34.31
CA LYS C 7 25.00 -3.73 33.30
C LYS C 7 23.49 -3.76 33.16
N GLU C 8 22.77 -3.60 34.27
CA GLU C 8 21.31 -3.56 34.21
C GLU C 8 20.83 -2.32 33.44
N LEU C 9 21.54 -1.21 33.60
CA LEU C 9 21.16 0.02 32.90
C LEU C 9 21.48 -0.07 31.41
N GLU C 10 22.59 -0.72 31.06
CA GLU C 10 22.93 -0.88 29.65
C GLU C 10 21.94 -1.76 28.92
N ASN C 11 21.32 -2.71 29.63
CA ASN C 11 20.25 -3.51 29.03
C ASN C 11 19.01 -2.66 28.76
N ILE C 12 18.78 -1.64 29.59
CA ILE C 12 17.64 -0.76 29.36
C ILE C 12 17.87 0.10 28.13
N VAL C 13 19.10 0.53 27.90
CA VAL C 13 19.41 1.34 26.73
C VAL C 13 19.21 0.55 25.45
N VAL C 14 19.62 -0.73 25.45
CA VAL C 14 19.43 -1.57 24.27
C VAL C 14 17.95 -1.80 24.01
N LYS C 15 17.17 -2.05 25.06
CA LYS C 15 15.73 -2.27 24.89
C LYS C 15 15.01 -1.00 24.46
N GLU C 16 15.52 0.17 24.85
CA GLU C 16 14.88 1.42 24.46
C GLU C 16 15.09 1.71 22.98
N ARG C 17 16.20 1.24 22.39
CA ARG C 17 16.41 1.42 20.96
C ARG C 17 15.37 0.64 20.16
N GLN C 18 15.03 -0.57 20.61
CA GLN C 18 14.05 -1.40 19.92
C GLN C 18 12.62 -0.92 20.12
N ASN C 19 12.41 0.19 20.80
CA ASN C 19 11.07 0.69 21.05
C ASN C 19 10.60 1.51 19.85
N LYS C 20 9.53 1.06 19.21
CA LYS C 20 8.90 1.82 18.13
C LYS C 20 8.42 3.16 18.66
N LYS C 21 9.07 4.24 18.25
CA LYS C 21 8.78 5.57 18.77
C LYS C 21 8.38 6.50 17.62
N ASP C 22 7.24 7.17 17.79
CA ASP C 22 6.79 8.17 16.84
C ASP C 22 7.49 9.48 17.18
N THR C 23 8.40 9.91 16.31
CA THR C 23 9.28 11.03 16.58
C THR C 23 9.04 12.16 15.60
N ILE C 24 9.53 13.34 15.97
CA ILE C 24 9.47 14.54 15.13
C ILE C 24 10.88 15.09 14.96
N LEU C 25 11.09 15.79 13.86
CA LEU C 25 12.40 16.36 13.53
C LEU C 25 12.40 17.85 13.85
N MET C 26 13.43 18.29 14.57
CA MET C 26 13.61 19.70 14.93
C MET C 26 14.85 20.19 14.20
N GLY C 27 14.65 20.76 13.00
CA GLY C 27 15.74 21.21 12.18
C GLY C 27 15.53 22.63 11.69
N LEU C 28 16.58 23.17 11.08
CA LEU C 28 16.57 24.53 10.56
C LEU C 28 16.75 24.50 9.05
N LYS C 29 15.94 25.29 8.34
CA LYS C 29 16.12 25.45 6.90
C LYS C 29 17.34 26.33 6.66
N VAL C 30 18.23 25.88 5.78
CA VAL C 30 19.51 26.54 5.56
C VAL C 30 19.70 26.84 4.08
N GLU C 31 20.67 27.70 3.80
CA GLU C 31 21.05 28.07 2.45
C GLU C 31 22.47 27.56 2.20
N VAL C 32 22.63 26.73 1.17
CA VAL C 32 23.92 26.13 0.86
C VAL C 32 24.64 26.99 -0.17
N PRO C 33 25.97 27.06 -0.13
CA PRO C 33 26.70 27.88 -1.11
C PRO C 33 26.91 27.17 -2.45
N TRP C 34 26.72 25.86 -2.52
CA TRP C 34 26.95 25.11 -3.74
C TRP C 34 25.67 24.98 -4.55
N ASN C 35 25.84 24.73 -5.84
CA ASN C 35 24.74 24.61 -6.79
C ASN C 35 24.83 23.28 -7.51
N TYR C 36 23.73 22.91 -8.17
CA TYR C 36 23.70 21.67 -8.94
C TYR C 36 24.79 21.67 -10.02
N CYS C 37 25.07 22.83 -10.61
CA CYS C 37 26.08 22.94 -11.64
C CYS C 37 27.50 22.71 -11.11
N ASP C 38 27.69 22.73 -9.79
CA ASP C 38 29.01 22.45 -9.23
C ASP C 38 29.35 20.97 -9.27
N TRP C 39 28.36 20.10 -9.44
CA TRP C 39 28.58 18.65 -9.53
C TRP C 39 28.21 18.12 -10.91
N ALA C 40 28.49 18.91 -11.96
CA ALA C 40 28.06 18.54 -13.30
C ALA C 40 28.75 17.26 -13.78
N SER C 41 29.97 17.01 -13.34
CA SER C 41 30.72 15.83 -13.74
C SER C 41 30.46 14.63 -12.84
N ILE C 42 29.54 14.75 -11.88
CA ILE C 42 29.31 13.72 -10.88
C ILE C 42 27.99 13.01 -11.20
N SER C 43 28.02 11.69 -11.10
CA SER C 43 26.82 10.85 -11.25
C SER C 43 26.23 10.56 -9.87
N PHE C 44 24.94 10.82 -9.72
CA PHE C 44 24.26 10.67 -8.44
C PHE C 44 23.34 9.45 -8.46
N TYR C 45 23.10 8.91 -7.27
CA TYR C 45 22.30 7.70 -7.10
C TYR C 45 20.90 8.10 -6.64
N ASP C 46 19.92 7.94 -7.52
CA ASP C 46 18.51 8.13 -7.20
C ASP C 46 17.87 6.75 -7.12
N VAL C 47 17.48 6.34 -5.91
CA VAL C 47 16.94 5.00 -5.71
C VAL C 47 15.65 4.81 -6.50
N ARG C 48 14.89 5.88 -6.72
CA ARG C 48 13.63 5.78 -7.44
C ARG C 48 13.83 5.44 -8.91
N LEU C 49 15.05 5.58 -9.43
CA LEU C 49 15.36 5.22 -10.81
C LEU C 49 16.06 3.87 -10.91
N GLU C 50 16.24 3.17 -9.81
CA GLU C 50 16.97 1.91 -9.79
C GLU C 50 16.02 0.73 -9.69
N SER C 51 16.48 -0.41 -10.18
CA SER C 51 15.73 -1.66 -10.10
C SER C 51 16.26 -2.51 -8.95
N GLY C 52 15.45 -3.49 -8.55
CA GLY C 52 15.87 -4.40 -7.49
C GLY C 52 15.78 -3.83 -6.10
N ILE C 53 14.88 -2.88 -5.87
CA ILE C 53 14.68 -2.29 -4.56
C ILE C 53 13.50 -2.99 -3.89
N LEU C 54 13.75 -3.60 -2.73
CA LEU C 54 12.72 -4.41 -2.09
C LEU C 54 11.62 -3.56 -1.47
N ASP C 55 11.96 -2.38 -0.95
CA ASP C 55 10.97 -1.52 -0.32
C ASP C 55 11.35 -0.07 -0.61
N MET C 56 10.45 0.65 -1.29
CA MET C 56 10.68 2.05 -1.61
C MET C 56 10.25 2.98 -0.48
N GLU C 57 9.14 2.66 0.20
CA GLU C 57 8.62 3.52 1.24
C GLU C 57 9.42 3.45 2.55
N SER C 58 10.41 2.57 2.63
CA SER C 58 11.21 2.45 3.84
C SER C 58 12.03 3.72 4.06
N ILE C 59 12.16 4.10 5.33
CA ILE C 59 12.91 5.32 5.67
C ILE C 59 14.41 5.17 5.49
N ALA C 60 14.88 3.97 5.18
CA ALA C 60 16.31 3.73 4.99
C ALA C 60 16.76 3.95 3.55
N VAL C 61 15.84 4.23 2.63
CA VAL C 61 16.18 4.39 1.22
C VAL C 61 15.41 5.55 0.61
N LYS C 62 14.30 5.95 1.25
CA LYS C 62 13.41 6.94 0.64
C LYS C 62 14.04 8.31 0.52
N TYR C 63 15.08 8.61 1.31
CA TYR C 63 15.74 9.90 1.24
C TYR C 63 16.89 9.93 0.25
N MET C 64 17.24 8.78 -0.35
CA MET C 64 18.35 8.68 -1.28
C MET C 64 17.87 9.14 -2.66
N THR C 65 17.73 10.46 -2.80
CA THR C 65 17.19 11.04 -4.02
C THR C 65 18.25 11.84 -4.78
N GLY C 66 19.36 11.17 -5.12
CA GLY C 66 20.39 11.84 -5.90
C GLY C 66 20.99 13.01 -5.15
N CYS C 67 21.06 14.16 -5.82
CA CYS C 67 21.56 15.39 -5.22
C CYS C 67 20.45 16.37 -4.89
N ASP C 68 19.18 15.99 -5.11
CA ASP C 68 18.04 16.84 -4.77
C ASP C 68 17.69 16.65 -3.29
N ILE C 69 18.57 17.18 -2.44
CA ILE C 69 18.47 17.02 -0.99
C ILE C 69 17.90 18.32 -0.41
N PRO C 70 16.88 18.24 0.44
CA PRO C 70 16.36 19.44 1.09
C PRO C 70 17.42 20.08 1.98
N PRO C 71 17.76 21.35 1.74
CA PRO C 71 18.77 22.01 2.57
C PRO C 71 18.29 22.26 3.99
N ALA C 72 18.64 21.36 4.91
CA ALA C 72 18.22 21.48 6.30
C ALA C 72 19.26 20.82 7.19
N VAL C 73 19.37 21.34 8.42
CA VAL C 73 20.29 20.82 9.42
C VAL C 73 19.47 20.48 10.66
N THR C 74 19.55 19.23 11.10
CA THR C 74 18.80 18.77 12.26
C THR C 74 19.48 19.24 13.54
N LEU C 75 18.71 19.85 14.44
CA LEU C 75 19.20 20.20 15.76
C LEU C 75 18.95 19.08 16.77
N GLY C 76 17.81 18.41 16.66
CA GLY C 76 17.49 17.32 17.58
C GLY C 76 16.28 16.57 17.09
N ILE C 77 16.01 15.46 17.75
CA ILE C 77 14.87 14.59 17.45
C ILE C 77 14.23 14.18 18.76
N THR C 78 12.93 14.43 18.90
CA THR C 78 12.19 14.08 20.11
C THR C 78 10.89 13.40 19.72
N ASN C 79 10.14 12.96 20.73
CA ASN C 79 8.91 12.23 20.49
C ASN C 79 7.81 13.14 19.95
N LYS C 80 6.80 12.52 19.33
CA LYS C 80 5.74 13.30 18.70
C LYS C 80 4.91 14.05 19.73
N ASP C 81 4.71 13.47 20.92
CA ASP C 81 3.92 14.15 21.94
C ASP C 81 4.57 15.43 22.44
N GLN C 82 5.73 15.82 21.90
CA GLN C 82 6.35 17.08 22.22
C GLN C 82 6.16 18.13 21.12
N GLU C 83 5.23 17.88 20.19
CA GLU C 83 4.98 18.84 19.12
C GLU C 83 4.48 20.17 19.67
N ALA C 84 3.59 20.12 20.67
CA ALA C 84 3.08 21.35 21.27
C ALA C 84 4.19 22.15 21.91
N ASN C 85 5.13 21.48 22.58
CA ASN C 85 6.27 22.17 23.16
C ASN C 85 7.21 22.70 22.07
N PHE C 86 7.33 21.96 20.96
CA PHE C 86 8.18 22.42 19.87
C PHE C 86 7.58 23.65 19.19
N GLN C 87 6.28 23.62 18.91
CA GLN C 87 5.62 24.79 18.36
C GLN C 87 5.62 25.96 19.34
N ARG C 88 5.57 25.67 20.65
CA ARG C 88 5.64 26.73 21.64
C ARG C 88 7.01 27.39 21.65
N PHE C 89 8.07 26.61 21.47
CA PHE C 89 9.41 27.18 21.43
C PHE C 89 9.62 28.04 20.19
N LYS C 90 9.07 27.61 19.05
CA LYS C 90 9.20 28.40 17.83
C LYS C 90 8.48 29.74 17.95
N GLU C 91 7.41 29.80 18.74
CA GLU C 91 6.76 31.07 19.00
C GLU C 91 7.55 31.91 20.00
N LEU C 92 8.21 31.28 20.96
CA LEU C 92 9.02 32.02 21.93
C LEU C 92 10.23 32.66 21.26
N THR C 93 10.72 32.08 20.16
CA THR C 93 11.86 32.62 19.42
C THR C 93 11.45 33.55 18.29
N ARG C 94 10.28 34.18 18.40
CA ARG C 94 9.83 35.12 17.38
C ARG C 94 10.72 36.35 17.32
N ASN C 95 11.19 36.83 18.47
CA ASN C 95 12.03 38.01 18.51
C ASN C 95 13.45 37.76 18.01
N ILE C 96 13.84 36.50 17.82
CA ILE C 96 15.19 36.15 17.42
C ILE C 96 15.28 36.16 15.90
N ASP C 97 16.27 36.87 15.37
CA ASP C 97 16.53 36.88 13.93
C ASP C 97 17.29 35.60 13.59
N LEU C 98 16.55 34.60 13.10
CA LEU C 98 17.18 33.32 12.76
C LEU C 98 18.07 33.43 11.52
N THR C 99 17.90 34.48 10.73
CA THR C 99 18.71 34.63 9.51
C THR C 99 20.14 35.05 9.81
N SER C 100 20.43 35.50 11.02
CA SER C 100 21.80 35.81 11.40
C SER C 100 22.59 34.59 11.86
N LEU C 101 21.90 33.47 12.12
CA LEU C 101 22.59 32.25 12.50
C LEU C 101 23.33 31.67 11.30
N SER C 102 24.38 30.89 11.58
CA SER C 102 25.19 30.33 10.52
C SER C 102 25.91 29.09 10.99
N PHE C 103 26.20 28.20 10.04
CA PHE C 103 27.11 27.08 10.21
C PHE C 103 28.36 27.32 9.37
N THR C 104 29.42 26.60 9.70
CA THR C 104 30.67 26.65 8.93
C THR C 104 30.99 25.26 8.43
N CYS C 105 31.22 25.15 7.12
CA CYS C 105 31.55 23.86 6.51
C CYS C 105 32.89 23.38 7.03
N LYS C 106 32.88 22.22 7.69
CA LYS C 106 34.05 21.70 8.38
C LYS C 106 34.82 20.69 7.56
N GLU C 107 34.17 19.61 7.11
CA GLU C 107 34.82 18.61 6.28
C GLU C 107 33.76 17.80 5.55
N VAL C 108 34.18 17.18 4.46
CA VAL C 108 33.31 16.34 3.64
C VAL C 108 33.50 14.89 4.06
N ILE C 109 32.41 14.22 4.40
CA ILE C 109 32.42 12.83 4.85
C ILE C 109 31.43 12.05 4.01
N CYS C 110 31.86 10.90 3.51
CA CYS C 110 30.98 9.97 2.80
C CYS C 110 30.64 8.84 3.76
N PHE C 111 29.44 8.88 4.32
CA PHE C 111 29.03 7.88 5.28
C PHE C 111 29.01 6.50 4.61
N PRO C 112 29.36 5.44 5.35
CA PRO C 112 29.33 4.09 4.76
C PRO C 112 27.91 3.66 4.44
N GLN C 113 27.80 2.63 3.61
CA GLN C 113 26.52 2.08 3.23
C GLN C 113 25.83 1.46 4.45
N SER C 114 24.65 1.97 4.79
CA SER C 114 23.94 1.47 5.95
C SER C 114 23.46 0.05 5.72
N ARG C 115 23.27 -0.69 6.82
CA ARG C 115 22.83 -2.07 6.71
C ARG C 115 21.39 -2.16 6.22
N ALA C 116 20.51 -1.30 6.73
CA ALA C 116 19.10 -1.38 6.38
C ALA C 116 18.87 -1.08 4.90
N SER C 117 19.65 -0.15 4.33
CA SER C 117 19.49 0.16 2.91
C SER C 117 20.06 -0.95 2.04
N LYS C 118 21.19 -1.54 2.44
CA LYS C 118 21.80 -2.60 1.66
C LYS C 118 20.91 -3.85 1.63
N GLU C 119 20.28 -4.18 2.75
CA GLU C 119 19.40 -5.33 2.80
C GLU C 119 18.18 -5.16 1.90
N LEU C 120 17.81 -3.93 1.57
CA LEU C 120 16.70 -3.65 0.68
C LEU C 120 17.12 -3.60 -0.78
N GLY C 121 18.37 -3.95 -1.09
CA GLY C 121 18.87 -3.92 -2.44
C GLY C 121 19.42 -2.59 -2.90
N ALA C 122 19.45 -1.58 -2.04
CA ALA C 122 19.94 -0.28 -2.44
C ALA C 122 21.46 -0.29 -2.57
N ASN C 123 21.97 0.58 -3.42
CA ASN C 123 23.40 0.77 -3.61
C ASN C 123 23.68 2.27 -3.62
N GLY C 124 23.58 2.91 -2.46
CA GLY C 124 23.86 4.33 -2.34
C GLY C 124 24.58 4.64 -1.05
N ARG C 125 25.39 5.69 -1.10
CA ARG C 125 26.10 6.21 0.08
C ARG C 125 25.89 7.71 0.16
N ALA C 126 25.77 8.21 1.38
CA ALA C 126 25.51 9.63 1.63
C ALA C 126 26.83 10.37 1.75
N VAL C 127 27.00 11.42 0.93
CA VAL C 127 28.14 12.32 1.03
C VAL C 127 27.64 13.59 1.69
N VAL C 128 28.12 13.88 2.90
CA VAL C 128 27.63 14.99 3.70
C VAL C 128 28.78 15.98 3.93
N MET C 129 28.41 17.16 4.39
CA MET C 129 29.37 18.19 4.80
C MET C 129 29.22 18.37 6.30
N LYS C 130 30.22 17.92 7.05
CA LYS C 130 30.24 18.16 8.50
C LYS C 130 30.28 19.66 8.76
N LEU C 131 29.54 20.08 9.79
CA LEU C 131 29.36 21.49 10.07
C LEU C 131 29.77 21.81 11.50
N GLU C 132 30.23 23.04 11.70
CA GLU C 132 30.48 23.60 13.02
C GLU C 132 29.48 24.72 13.24
N ALA C 133 28.57 24.52 14.20
CA ALA C 133 27.55 25.51 14.48
C ALA C 133 28.16 26.72 15.18
N SER C 134 27.62 27.90 14.87
CA SER C 134 28.05 29.10 15.57
C SER C 134 27.61 29.03 17.03
N ASP C 135 28.18 29.94 17.83
CA ASP C 135 27.83 29.98 19.25
C ASP C 135 26.35 30.27 19.45
N ASP C 136 25.77 31.12 18.60
CA ASP C 136 24.35 31.42 18.71
C ASP C 136 23.50 30.21 18.34
N VAL C 137 23.93 29.43 17.35
CA VAL C 137 23.21 28.23 16.98
C VAL C 137 23.26 27.20 18.11
N LYS C 138 24.45 27.02 18.70
CA LYS C 138 24.56 26.11 19.84
C LYS C 138 23.69 26.58 21.00
N ALA C 139 23.65 27.90 21.24
CA ALA C 139 22.81 28.43 22.31
C ALA C 139 21.33 28.22 22.01
N LEU C 140 20.93 28.38 20.75
CA LEU C 140 19.54 28.12 20.37
C LEU C 140 19.17 26.66 20.60
N ARG C 141 20.07 25.74 20.26
CA ARG C 141 19.80 24.33 20.45
C ARG C 141 19.75 23.97 21.94
N ASN C 142 20.60 24.59 22.75
CA ASN C 142 20.57 24.35 24.19
C ASN C 142 19.24 24.78 24.79
N VAL C 143 18.74 25.95 24.40
CA VAL C 143 17.44 26.40 24.89
C VAL C 143 16.33 25.56 24.30
N LEU C 144 16.49 25.09 23.06
CA LEU C 144 15.52 24.18 22.47
C LEU C 144 15.32 22.94 23.33
N PHE C 145 16.41 22.36 23.82
CA PHE C 145 16.30 21.20 24.71
C PHE C 145 15.80 21.58 26.09
N ASN C 146 15.89 22.86 26.47
CA ASN C 146 15.35 23.30 27.74
C ASN C 146 13.83 23.45 27.67
N VAL C 147 13.32 23.93 26.54
CA VAL C 147 11.88 24.11 26.38
C VAL C 147 11.21 22.83 25.89
N VAL C 148 11.86 22.11 24.98
CA VAL C 148 11.32 20.90 24.38
C VAL C 148 12.10 19.71 24.93
N PRO C 149 11.54 18.93 25.85
CA PRO C 149 12.26 17.77 26.38
C PRO C 149 12.61 16.77 25.27
N THR C 150 13.88 16.41 25.21
CA THR C 150 14.44 15.57 24.17
C THR C 150 15.21 14.41 24.80
N PRO C 151 15.02 13.20 24.30
CA PRO C 151 15.77 12.06 24.86
C PRO C 151 17.27 12.25 24.74
N ARG C 152 17.98 11.86 25.80
CA ARG C 152 19.44 11.94 25.80
C ARG C 152 20.03 10.86 24.92
N ASP C 153 20.88 11.25 23.98
CA ASP C 153 21.50 10.29 23.08
C ASP C 153 22.54 9.47 23.84
N ILE C 154 22.35 8.14 23.85
CA ILE C 154 23.31 7.21 24.43
C ILE C 154 23.64 6.20 23.34
N PHE C 155 24.60 6.53 22.48
CA PHE C 155 25.02 5.65 21.41
C PHE C 155 26.22 4.79 21.81
N GLY C 156 27.14 5.34 22.59
CA GLY C 156 28.26 4.59 23.09
C GLY C 156 28.04 4.15 24.52
N PRO C 157 29.05 4.33 25.37
CA PRO C 157 28.90 3.97 26.78
C PRO C 157 27.94 4.91 27.49
N VAL C 158 27.37 4.40 28.59
CA VAL C 158 26.36 5.15 29.33
C VAL C 158 26.97 6.37 30.01
N LEU C 159 28.18 6.23 30.56
CA LEU C 159 28.81 7.30 31.30
C LEU C 159 29.41 8.39 30.42
N SER C 160 29.35 8.25 29.10
CA SER C 160 29.90 9.26 28.20
C SER C 160 28.86 10.32 27.89
N ASP C 161 29.35 11.53 27.58
CA ASP C 161 28.45 12.63 27.26
C ASP C 161 28.25 12.73 25.75
N PRO C 162 27.04 13.05 25.31
CA PRO C 162 26.79 13.17 23.87
C PRO C 162 27.52 14.37 23.28
N VAL C 163 27.90 14.22 22.01
CA VAL C 163 28.56 15.28 21.25
C VAL C 163 27.74 15.54 20.00
N TRP C 164 27.31 16.78 19.82
CA TRP C 164 26.52 17.16 18.65
C TRP C 164 27.45 17.34 17.46
N CYS C 165 27.20 16.56 16.39
CA CYS C 165 27.99 16.63 15.16
C CYS C 165 27.04 16.91 14.01
N PRO C 166 26.64 18.17 13.84
CA PRO C 166 25.70 18.51 12.77
C PRO C 166 26.35 18.41 11.39
N HIS C 167 25.50 18.19 10.39
CA HIS C 167 25.95 18.11 9.00
C HIS C 167 24.76 18.37 8.09
N VAL C 168 25.06 18.60 6.82
CA VAL C 168 24.06 18.74 5.78
C VAL C 168 24.40 17.78 4.66
N THR C 169 23.42 17.02 4.19
CA THR C 169 23.64 16.05 3.13
C THR C 169 23.73 16.77 1.79
N ILE C 170 24.78 16.46 1.03
CA ILE C 170 24.97 17.06 -0.28
C ILE C 170 24.34 16.22 -1.39
N GLY C 171 24.58 14.91 -1.36
CA GLY C 171 24.00 14.03 -2.37
C GLY C 171 24.44 12.60 -2.15
N TYR C 172 23.75 11.70 -2.83
CA TYR C 172 24.01 10.27 -2.75
C TYR C 172 24.65 9.78 -4.05
N VAL C 173 25.62 8.88 -3.91
CA VAL C 173 26.35 8.32 -5.04
C VAL C 173 26.43 6.81 -4.87
N ARG C 174 26.83 6.14 -5.96
CA ARG C 174 26.99 4.69 -5.92
C ARG C 174 28.25 4.30 -5.16
N ALA C 175 28.15 3.24 -4.35
CA ALA C 175 29.26 2.75 -3.54
C ALA C 175 30.20 1.84 -4.30
N ASP C 176 29.84 1.43 -5.51
CA ASP C 176 30.71 0.63 -6.37
C ASP C 176 31.32 1.49 -7.47
N ASP C 177 31.60 2.76 -7.14
CA ASP C 177 32.21 3.70 -8.09
C ASP C 177 33.11 4.63 -7.27
N GLU C 178 34.33 4.16 -7.00
CA GLU C 178 35.26 4.92 -6.16
C GLU C 178 35.72 6.20 -6.86
N ASP C 179 35.92 6.15 -8.18
CA ASP C 179 36.35 7.34 -8.91
C ASP C 179 35.30 8.44 -8.85
N ASN C 180 34.04 8.08 -9.07
CA ASN C 180 32.96 9.08 -9.00
C ASN C 180 32.79 9.59 -7.58
N LYS C 181 32.97 8.72 -6.58
CA LYS C 181 32.82 9.15 -5.19
C LYS C 181 33.96 10.09 -4.79
N ASN C 182 35.19 9.76 -5.18
CA ASN C 182 36.34 10.59 -4.81
C ASN C 182 36.27 11.94 -5.52
N SER C 183 35.84 11.97 -6.77
CA SER C 183 35.71 13.24 -7.48
C SER C 183 34.66 14.12 -6.83
N PHE C 184 33.56 13.52 -6.37
CA PHE C 184 32.53 14.28 -5.66
C PHE C 184 33.09 14.89 -4.38
N ILE C 185 33.88 14.13 -3.63
CA ILE C 185 34.48 14.64 -2.40
C ILE C 185 35.43 15.79 -2.72
N GLU C 186 36.21 15.65 -3.80
CA GLU C 186 37.12 16.72 -4.20
C GLU C 186 36.37 18.01 -4.51
N LEU C 187 35.27 17.90 -5.26
CA LEU C 187 34.50 19.10 -5.60
C LEU C 187 33.82 19.70 -4.38
N ALA C 188 33.37 18.86 -3.45
CA ALA C 188 32.69 19.36 -2.25
C ALA C 188 33.66 19.96 -1.26
N GLU C 189 34.91 19.47 -1.22
CA GLU C 189 35.89 20.02 -0.30
C GLU C 189 36.27 21.46 -0.62
N ALA C 190 35.99 21.93 -1.84
CA ALA C 190 36.29 23.32 -2.19
C ALA C 190 35.42 24.29 -1.39
N PHE C 191 34.30 23.85 -0.85
CA PHE C 191 33.42 24.70 -0.06
C PHE C 191 33.71 24.63 1.44
N ARG C 192 34.79 23.98 1.83
CA ARG C 192 35.18 23.95 3.24
C ARG C 192 35.58 25.35 3.68
N GLY C 193 34.92 25.85 4.72
CA GLY C 193 35.11 27.20 5.21
C GLY C 193 33.98 28.14 4.89
N SER C 194 33.04 27.73 4.04
CA SER C 194 31.92 28.58 3.67
C SER C 194 30.90 28.65 4.80
N LYS C 195 30.14 29.74 4.82
CA LYS C 195 29.12 29.99 5.84
C LYS C 195 27.77 29.52 5.32
N ILE C 196 27.13 28.63 6.08
CA ILE C 196 25.80 28.14 5.76
C ILE C 196 24.79 29.01 6.50
N LYS C 197 24.11 29.88 5.75
CA LYS C 197 23.14 30.79 6.36
C LYS C 197 21.85 30.06 6.70
N VAL C 198 21.29 30.39 7.86
CA VAL C 198 20.03 29.81 8.31
C VAL C 198 18.88 30.64 7.77
N ILE C 199 17.86 29.96 7.26
CA ILE C 199 16.64 30.62 6.77
C ILE C 199 15.56 30.64 7.84
N GLY C 200 15.33 29.51 8.51
CA GLY C 200 14.31 29.43 9.53
C GLY C 200 14.05 27.99 9.90
N TRP C 201 12.93 27.78 10.59
CA TRP C 201 12.54 26.43 10.97
C TRP C 201 12.05 25.64 9.77
N CYS C 202 12.19 24.31 9.85
CA CYS C 202 11.76 23.44 8.78
C CYS C 202 10.23 23.39 8.71
N GLU C 203 9.73 22.63 7.74
CA GLU C 203 8.30 22.43 7.49
C GLU C 203 7.59 23.72 7.07
N SER D 1 34.52 1.40 -10.80
CA SER D 1 34.75 2.59 -11.61
C SER D 1 34.76 2.26 -13.09
N ALA D 2 34.36 3.23 -13.92
CA ALA D 2 34.33 3.03 -15.36
C ALA D 2 35.76 2.93 -15.90
N THR D 3 35.93 2.07 -16.91
CA THR D 3 37.23 1.87 -17.52
C THR D 3 37.49 2.94 -18.58
N THR D 4 38.66 2.86 -19.21
CA THR D 4 39.01 3.81 -20.26
C THR D 4 38.07 3.69 -21.46
N ILE D 5 37.77 2.46 -21.87
CA ILE D 5 36.91 2.25 -23.03
C ILE D 5 35.46 2.58 -22.68
N GLN D 6 35.03 2.26 -21.47
CA GLN D 6 33.66 2.57 -21.07
C GLN D 6 33.42 4.07 -21.03
N LYS D 7 34.39 4.84 -20.55
CA LYS D 7 34.26 6.30 -20.57
C LYS D 7 34.25 6.83 -21.99
N GLU D 8 35.05 6.22 -22.87
CA GLU D 8 35.02 6.60 -24.28
C GLU D 8 33.67 6.26 -24.91
N LEU D 9 33.08 5.13 -24.51
CA LEU D 9 31.76 4.77 -25.01
C LEU D 9 30.69 5.72 -24.50
N GLU D 10 30.84 6.23 -23.27
CA GLU D 10 29.89 7.21 -22.76
C GLU D 10 29.96 8.51 -23.54
N ASN D 11 31.14 8.89 -24.03
CA ASN D 11 31.25 10.06 -24.89
C ASN D 11 30.48 9.84 -26.19
N ILE D 12 30.61 8.65 -26.79
CA ILE D 12 29.91 8.35 -28.03
C ILE D 12 28.41 8.42 -27.83
N VAL D 13 27.92 7.97 -26.67
CA VAL D 13 26.49 8.06 -26.38
C VAL D 13 26.06 9.52 -26.32
N VAL D 14 26.89 10.38 -25.73
CA VAL D 14 26.56 11.81 -25.66
C VAL D 14 26.54 12.43 -27.05
N LYS D 15 27.58 12.17 -27.85
CA LYS D 15 27.66 12.74 -29.18
C LYS D 15 26.59 12.18 -30.10
N GLU D 16 26.17 10.93 -29.88
CA GLU D 16 25.11 10.34 -30.70
C GLU D 16 23.79 11.04 -30.49
N ARG D 17 23.43 11.32 -29.23
CA ARG D 17 22.18 12.04 -28.97
C ARG D 17 22.25 13.49 -29.42
N GLN D 18 23.45 14.10 -29.37
CA GLN D 18 23.59 15.48 -29.83
C GLN D 18 23.38 15.58 -31.34
N ASN D 19 23.97 14.66 -32.11
CA ASN D 19 23.83 14.69 -33.55
C ASN D 19 22.55 14.02 -34.05
N LYS D 20 21.82 13.32 -33.19
CA LYS D 20 20.60 12.64 -33.60
C LYS D 20 19.52 13.68 -33.92
N LYS D 21 18.93 13.56 -35.11
CA LYS D 21 17.92 14.50 -35.58
C LYS D 21 16.77 13.77 -36.27
N ASP D 22 15.68 14.51 -36.47
CA ASP D 22 14.44 14.03 -37.07
C ASP D 22 14.08 12.60 -36.67
N THR D 23 13.76 12.40 -35.40
CA THR D 23 13.30 11.12 -34.90
C THR D 23 11.80 11.15 -34.64
N ILE D 24 11.19 9.97 -34.65
CA ILE D 24 9.76 9.84 -34.41
C ILE D 24 9.52 9.42 -32.96
N LEU D 25 8.40 9.87 -32.41
CA LEU D 25 8.01 9.55 -31.05
C LEU D 25 7.03 8.39 -31.07
N MET D 26 7.37 7.33 -30.33
CA MET D 26 6.47 6.19 -30.14
C MET D 26 6.02 6.24 -28.69
N GLY D 27 4.88 6.91 -28.46
CA GLY D 27 4.36 7.09 -27.12
C GLY D 27 2.85 6.96 -27.10
N LEU D 28 2.30 7.07 -25.89
CA LEU D 28 0.86 6.96 -25.67
C LEU D 28 0.33 8.30 -25.16
N LYS D 29 -0.58 8.90 -25.92
CA LYS D 29 -1.23 10.12 -25.47
C LYS D 29 -2.08 9.83 -24.23
N VAL D 30 -2.01 10.73 -23.25
CA VAL D 30 -2.67 10.54 -21.97
C VAL D 30 -3.35 11.83 -21.55
N GLU D 31 -4.35 11.69 -20.68
CA GLU D 31 -5.03 12.82 -20.06
C GLU D 31 -4.42 13.07 -18.69
N VAL D 32 -4.10 14.33 -18.41
CA VAL D 32 -3.49 14.70 -17.14
C VAL D 32 -4.47 15.54 -16.33
N PRO D 33 -4.47 15.43 -15.00
CA PRO D 33 -5.37 16.25 -14.18
C PRO D 33 -4.85 17.64 -13.85
N TRP D 34 -3.61 17.96 -14.19
CA TRP D 34 -3.03 19.26 -13.91
C TRP D 34 -3.10 20.17 -15.13
N ASN D 35 -3.19 21.47 -14.88
CA ASN D 35 -3.28 22.48 -15.92
C ASN D 35 -2.09 23.42 -15.83
N TYR D 36 -1.99 24.32 -16.81
CA TYR D 36 -0.95 25.36 -16.77
C TYR D 36 -1.14 26.27 -15.57
N CYS D 37 -2.39 26.52 -15.17
CA CYS D 37 -2.66 27.42 -14.06
C CYS D 37 -2.09 26.91 -12.74
N ASP D 38 -1.88 25.60 -12.62
CA ASP D 38 -1.35 25.05 -11.38
C ASP D 38 0.11 25.42 -11.15
N TRP D 39 0.86 25.73 -12.21
CA TRP D 39 2.26 26.10 -12.11
C TRP D 39 2.48 27.59 -12.36
N ALA D 40 1.51 28.41 -11.98
CA ALA D 40 1.60 29.85 -12.25
C ALA D 40 2.78 30.49 -11.52
N SER D 41 3.10 30.01 -10.33
CA SER D 41 4.21 30.57 -9.55
C SER D 41 5.56 29.98 -9.94
N ILE D 42 5.60 29.06 -10.90
CA ILE D 42 6.82 28.37 -11.28
C ILE D 42 7.39 28.99 -12.54
N SER D 43 8.70 29.25 -12.53
CA SER D 43 9.40 29.74 -13.71
C SER D 43 9.93 28.56 -14.50
N PHE D 44 9.65 28.53 -15.80
CA PHE D 44 10.00 27.41 -16.66
C PHE D 44 11.16 27.79 -17.59
N TYR D 45 11.82 26.75 -18.10
CA TYR D 45 12.97 26.88 -18.98
C TYR D 45 12.55 26.46 -20.38
N ASP D 46 12.55 27.40 -21.32
CA ASP D 46 12.18 27.15 -22.71
C ASP D 46 13.37 27.50 -23.59
N VAL D 47 13.90 26.50 -24.31
CA VAL D 47 15.07 26.72 -25.14
C VAL D 47 14.76 27.68 -26.28
N ARG D 48 13.50 27.76 -26.71
CA ARG D 48 13.13 28.68 -27.76
C ARG D 48 13.27 30.14 -27.33
N LEU D 49 13.30 30.40 -26.03
CA LEU D 49 13.50 31.74 -25.50
C LEU D 49 14.93 31.99 -25.03
N GLU D 50 15.80 30.98 -25.14
CA GLU D 50 17.17 31.09 -24.67
C GLU D 50 18.13 31.37 -25.82
N SER D 51 19.32 31.83 -25.45
CA SER D 51 20.40 32.08 -26.40
C SER D 51 21.58 31.19 -26.05
N GLY D 52 22.49 31.03 -27.01
CA GLY D 52 23.66 30.20 -26.80
C GLY D 52 23.43 28.73 -26.98
N ILE D 53 22.34 28.33 -27.62
CA ILE D 53 22.09 26.92 -27.92
C ILE D 53 22.83 26.56 -29.20
N LEU D 54 23.72 25.57 -29.13
CA LEU D 54 24.60 25.27 -30.25
C LEU D 54 23.84 24.62 -31.41
N ASP D 55 22.85 23.79 -31.11
CA ASP D 55 22.11 23.06 -32.14
C ASP D 55 20.66 22.95 -31.70
N MET D 56 19.82 23.86 -32.18
CA MET D 56 18.42 23.86 -31.80
C MET D 56 17.65 22.67 -32.37
N GLU D 57 18.15 22.05 -33.45
CA GLU D 57 17.48 20.91 -34.05
C GLU D 57 17.85 19.58 -33.39
N SER D 58 18.75 19.59 -32.41
CA SER D 58 19.09 18.37 -31.71
C SER D 58 17.99 17.97 -30.75
N ILE D 59 17.68 16.66 -30.72
CA ILE D 59 16.63 16.16 -29.85
C ILE D 59 16.99 16.30 -28.39
N ALA D 60 18.28 16.50 -28.08
CA ALA D 60 18.69 16.68 -26.69
C ALA D 60 18.20 17.99 -26.11
N VAL D 61 17.86 18.97 -26.95
CA VAL D 61 17.37 20.26 -26.48
C VAL D 61 16.09 20.71 -27.17
N LYS D 62 15.68 20.09 -28.27
CA LYS D 62 14.58 20.62 -29.07
C LYS D 62 13.27 20.64 -28.30
N TYR D 63 12.98 19.56 -27.55
CA TYR D 63 11.72 19.42 -26.85
C TYR D 63 11.79 19.93 -25.41
N MET D 64 12.82 20.71 -25.08
CA MET D 64 12.97 21.31 -23.76
C MET D 64 12.28 22.68 -23.75
N THR D 65 10.94 22.62 -23.80
CA THR D 65 10.15 23.82 -24.02
C THR D 65 9.23 24.14 -22.84
N GLY D 66 9.82 24.39 -21.67
CA GLY D 66 9.03 24.78 -20.51
C GLY D 66 8.01 23.73 -20.13
N CYS D 67 6.80 24.17 -19.81
CA CYS D 67 5.68 23.28 -19.55
C CYS D 67 4.80 23.07 -20.77
N ASP D 68 5.17 23.66 -21.92
CA ASP D 68 4.43 23.45 -23.17
C ASP D 68 4.82 22.09 -23.74
N ILE D 69 4.33 21.05 -23.07
CA ILE D 69 4.67 19.68 -23.43
C ILE D 69 3.37 18.89 -23.62
N PRO D 70 3.20 18.19 -24.74
CA PRO D 70 2.00 17.37 -24.92
C PRO D 70 1.98 16.23 -23.93
N PRO D 71 0.86 16.02 -23.23
CA PRO D 71 0.78 14.93 -22.25
C PRO D 71 0.90 13.56 -22.90
N ALA D 72 2.04 12.90 -22.71
CA ALA D 72 2.29 11.62 -23.35
C ALA D 72 3.27 10.81 -22.52
N VAL D 73 3.16 9.49 -22.63
CA VAL D 73 4.07 8.56 -21.99
C VAL D 73 4.91 7.91 -23.08
N THR D 74 6.19 8.29 -23.15
CA THR D 74 7.05 7.79 -24.21
C THR D 74 7.41 6.34 -23.99
N LEU D 75 7.21 5.51 -25.02
CA LEU D 75 7.64 4.13 -24.99
C LEU D 75 9.04 3.97 -25.59
N GLY D 76 9.33 4.69 -26.66
CA GLY D 76 10.63 4.62 -27.29
C GLY D 76 10.79 5.69 -28.35
N ILE D 77 12.05 5.97 -28.68
CA ILE D 77 12.41 6.92 -29.72
C ILE D 77 13.28 6.19 -30.73
N THR D 78 12.93 6.31 -32.02
CA THR D 78 13.68 5.66 -33.08
C THR D 78 13.81 6.62 -34.26
N ASN D 79 14.58 6.19 -35.25
CA ASN D 79 14.95 7.05 -36.37
C ASN D 79 13.76 7.23 -37.32
N LYS D 80 13.93 8.20 -38.23
CA LYS D 80 12.87 8.51 -39.20
C LYS D 80 12.63 7.37 -40.17
N ASP D 81 13.69 6.63 -40.53
CA ASP D 81 13.55 5.53 -41.48
C ASP D 81 12.71 4.37 -40.95
N GLN D 82 12.40 4.35 -39.66
CA GLN D 82 11.54 3.34 -39.08
C GLN D 82 10.07 3.78 -39.03
N GLU D 83 9.69 4.75 -39.85
CA GLU D 83 8.32 5.24 -39.83
C GLU D 83 7.35 4.21 -40.39
N ALA D 84 7.78 3.47 -41.42
CA ALA D 84 6.92 2.45 -42.00
C ALA D 84 6.74 1.27 -41.05
N ASN D 85 7.81 0.86 -40.36
CA ASN D 85 7.69 -0.22 -39.39
C ASN D 85 6.77 0.15 -38.25
N PHE D 86 6.82 1.42 -37.81
CA PHE D 86 5.93 1.86 -36.74
C PHE D 86 4.48 1.93 -37.21
N GLN D 87 4.26 2.36 -38.46
CA GLN D 87 2.91 2.33 -39.01
C GLN D 87 2.41 0.89 -39.16
N ARG D 88 3.31 -0.03 -39.51
CA ARG D 88 2.93 -1.44 -39.59
C ARG D 88 2.57 -1.99 -38.22
N PHE D 89 3.27 -1.55 -37.17
CA PHE D 89 2.95 -1.99 -35.82
C PHE D 89 1.59 -1.47 -35.38
N LYS D 90 1.23 -0.25 -35.79
CA LYS D 90 -0.09 0.29 -35.47
C LYS D 90 -1.19 -0.58 -36.09
N GLU D 91 -1.00 -0.99 -37.35
CA GLU D 91 -1.99 -1.82 -38.01
C GLU D 91 -2.07 -3.21 -37.39
N LEU D 92 -0.93 -3.75 -36.93
CA LEU D 92 -0.95 -5.04 -36.26
C LEU D 92 -1.65 -4.96 -34.91
N THR D 93 -1.61 -3.80 -34.26
CA THR D 93 -2.22 -3.60 -32.95
C THR D 93 -3.55 -2.85 -33.03
N ARG D 94 -4.21 -2.85 -34.20
CA ARG D 94 -5.45 -2.12 -34.33
C ARG D 94 -6.58 -2.72 -33.51
N ASN D 95 -6.51 -4.01 -33.19
CA ASN D 95 -7.51 -4.67 -32.37
C ASN D 95 -7.23 -4.54 -30.88
N ILE D 96 -6.21 -3.78 -30.50
CA ILE D 96 -5.89 -3.52 -29.11
C ILE D 96 -6.51 -2.19 -28.71
N ASP D 97 -7.42 -2.21 -27.73
CA ASP D 97 -8.07 -1.01 -27.25
C ASP D 97 -7.08 -0.25 -26.36
N LEU D 98 -6.42 0.75 -26.93
CA LEU D 98 -5.46 1.54 -26.17
C LEU D 98 -6.15 2.39 -25.11
N THR D 99 -7.42 2.76 -25.34
CA THR D 99 -8.16 3.55 -24.36
C THR D 99 -8.45 2.77 -23.07
N SER D 100 -8.29 1.45 -23.08
CA SER D 100 -8.43 0.66 -21.87
C SER D 100 -7.16 0.66 -21.02
N LEU D 101 -6.08 1.26 -21.51
CA LEU D 101 -4.84 1.33 -20.75
C LEU D 101 -4.86 2.55 -19.83
N SER D 102 -4.11 2.44 -18.72
CA SER D 102 -4.08 3.52 -17.75
C SER D 102 -2.78 3.46 -16.97
N PHE D 103 -2.36 4.61 -16.46
CA PHE D 103 -1.19 4.74 -15.60
C PHE D 103 -1.59 5.32 -14.26
N THR D 104 -0.73 5.13 -13.26
CA THR D 104 -0.94 5.65 -11.92
C THR D 104 0.25 6.52 -11.52
N CYS D 105 -0.03 7.76 -11.12
CA CYS D 105 1.02 8.67 -10.70
C CYS D 105 1.61 8.20 -9.38
N LYS D 106 2.91 7.93 -9.37
CA LYS D 106 3.57 7.43 -8.17
C LYS D 106 4.33 8.54 -7.46
N GLU D 107 5.39 9.05 -8.08
CA GLU D 107 6.25 10.03 -7.46
C GLU D 107 6.68 11.08 -8.47
N VAL D 108 7.01 12.27 -7.98
CA VAL D 108 7.55 13.34 -8.80
C VAL D 108 9.07 13.27 -8.75
N ILE D 109 9.69 13.19 -9.92
CA ILE D 109 11.14 13.04 -10.04
C ILE D 109 11.66 14.13 -10.95
N CYS D 110 12.74 14.80 -10.52
CA CYS D 110 13.46 15.75 -11.34
C CYS D 110 14.67 15.01 -11.92
N PHE D 111 14.57 14.64 -13.20
CA PHE D 111 15.66 13.95 -13.86
C PHE D 111 16.94 14.78 -13.81
N PRO D 112 18.10 14.14 -13.72
CA PRO D 112 19.35 14.89 -13.76
C PRO D 112 19.53 15.57 -15.12
N GLN D 113 20.32 16.65 -15.11
CA GLN D 113 20.56 17.38 -16.34
C GLN D 113 21.27 16.51 -17.36
N SER D 114 20.74 16.46 -18.57
CA SER D 114 21.35 15.69 -19.63
C SER D 114 22.72 16.26 -19.98
N ARG D 115 23.74 15.40 -20.02
CA ARG D 115 25.06 15.84 -20.43
C ARG D 115 25.09 16.28 -21.88
N ALA D 116 24.29 15.63 -22.74
CA ALA D 116 24.23 16.02 -24.14
C ALA D 116 23.62 17.41 -24.29
N SER D 117 22.62 17.73 -23.48
CA SER D 117 21.99 19.05 -23.56
C SER D 117 22.88 20.13 -22.96
N LYS D 118 23.59 19.81 -21.87
CA LYS D 118 24.43 20.80 -21.21
C LYS D 118 25.56 21.26 -22.12
N GLU D 119 26.17 20.33 -22.86
CA GLU D 119 27.25 20.70 -23.77
C GLU D 119 26.74 21.51 -24.96
N LEU D 120 25.45 21.43 -25.26
CA LEU D 120 24.86 22.24 -26.33
C LEU D 120 24.39 23.60 -25.84
N GLY D 121 24.61 23.92 -24.57
CA GLY D 121 24.24 25.22 -24.04
C GLY D 121 22.97 25.25 -23.21
N ALA D 122 22.29 24.11 -23.06
CA ALA D 122 21.05 24.07 -22.29
C ALA D 122 21.34 24.11 -20.80
N ASN D 123 20.37 24.63 -20.03
CA ASN D 123 20.48 24.76 -18.59
C ASN D 123 19.14 24.40 -17.95
N GLY D 124 18.61 23.24 -18.29
CA GLY D 124 17.30 22.83 -17.83
C GLY D 124 17.29 21.38 -17.38
N ARG D 125 16.40 21.10 -16.43
CA ARG D 125 16.17 19.74 -15.94
C ARG D 125 14.70 19.40 -16.08
N ALA D 126 14.43 18.12 -16.34
CA ALA D 126 13.07 17.65 -16.55
C ALA D 126 12.46 17.26 -15.20
N VAL D 127 11.32 17.86 -14.89
CA VAL D 127 10.52 17.48 -13.73
C VAL D 127 9.35 16.65 -14.25
N VAL D 128 9.36 15.36 -13.95
CA VAL D 128 8.38 14.42 -14.49
C VAL D 128 7.63 13.76 -13.35
N MET D 129 6.56 13.06 -13.70
CA MET D 129 5.78 12.26 -12.77
C MET D 129 6.03 10.79 -13.10
N LYS D 130 6.80 10.11 -12.26
CA LYS D 130 7.06 8.70 -12.46
C LYS D 130 5.75 7.92 -12.31
N LEU D 131 5.50 7.02 -13.25
CA LEU D 131 4.22 6.30 -13.32
C LEU D 131 4.44 4.81 -13.09
N GLU D 132 3.35 4.15 -12.69
CA GLU D 132 3.32 2.69 -12.55
C GLU D 132 2.56 2.13 -13.74
N ALA D 133 3.27 1.43 -14.62
CA ALA D 133 2.67 0.86 -15.82
C ALA D 133 2.23 -0.57 -15.56
N SER D 134 1.10 -0.94 -16.17
CA SER D 134 0.59 -2.30 -16.05
C SER D 134 1.41 -3.25 -16.93
N ASP D 135 1.15 -4.55 -16.76
CA ASP D 135 1.84 -5.54 -17.57
C ASP D 135 1.45 -5.45 -19.03
N ASP D 136 0.24 -4.95 -19.32
CA ASP D 136 -0.16 -4.74 -20.71
C ASP D 136 0.69 -3.68 -21.38
N VAL D 137 0.97 -2.58 -20.68
CA VAL D 137 1.80 -1.52 -21.24
C VAL D 137 3.23 -2.00 -21.44
N LYS D 138 3.79 -2.70 -20.45
CA LYS D 138 5.14 -3.23 -20.58
C LYS D 138 5.24 -4.22 -21.73
N ALA D 139 4.24 -5.10 -21.85
CA ALA D 139 4.24 -6.04 -22.97
C ALA D 139 4.09 -5.33 -24.30
N LEU D 140 3.26 -4.26 -24.34
CA LEU D 140 3.10 -3.48 -25.56
C LEU D 140 4.43 -2.85 -25.97
N ARG D 141 5.22 -2.40 -25.00
CA ARG D 141 6.51 -1.78 -25.32
C ARG D 141 7.52 -2.81 -25.79
N ASN D 142 7.52 -4.00 -25.20
CA ASN D 142 8.48 -5.03 -25.59
C ASN D 142 8.21 -5.52 -27.01
N VAL D 143 6.95 -5.79 -27.33
CA VAL D 143 6.62 -6.20 -28.69
C VAL D 143 6.89 -5.08 -29.68
N LEU D 144 6.72 -3.83 -29.25
CA LEU D 144 7.07 -2.70 -30.11
C LEU D 144 8.55 -2.73 -30.48
N PHE D 145 9.42 -3.01 -29.51
CA PHE D 145 10.84 -3.10 -29.80
C PHE D 145 11.19 -4.35 -30.59
N ASN D 146 10.30 -5.34 -30.62
CA ASN D 146 10.53 -6.53 -31.42
C ASN D 146 10.17 -6.33 -32.88
N VAL D 147 9.17 -5.48 -33.15
CA VAL D 147 8.74 -5.21 -34.52
C VAL D 147 9.46 -3.99 -35.09
N VAL D 148 9.62 -2.95 -34.28
CA VAL D 148 10.24 -1.69 -34.70
C VAL D 148 11.61 -1.60 -34.04
N PRO D 149 12.70 -1.65 -34.79
CA PRO D 149 14.02 -1.48 -34.19
C PRO D 149 14.16 -0.12 -33.53
N THR D 150 14.54 -0.12 -32.25
CA THR D 150 14.59 1.08 -31.44
C THR D 150 15.95 1.17 -30.75
N PRO D 151 16.60 2.34 -30.76
CA PRO D 151 17.86 2.49 -30.05
C PRO D 151 17.73 2.18 -28.57
N ARG D 152 18.72 1.47 -28.04
CA ARG D 152 18.76 1.12 -26.62
C ARG D 152 18.99 2.37 -25.78
N ASP D 153 18.08 2.64 -24.85
CA ASP D 153 18.21 3.82 -23.99
C ASP D 153 19.39 3.65 -23.05
N ILE D 154 20.29 4.63 -23.05
CA ILE D 154 21.46 4.65 -22.16
C ILE D 154 21.48 6.03 -21.51
N PHE D 155 20.86 6.14 -20.33
CA PHE D 155 20.84 7.39 -19.58
C PHE D 155 21.84 7.39 -18.42
N GLY D 156 22.51 6.28 -18.17
CA GLY D 156 23.51 6.21 -17.12
C GLY D 156 24.79 5.57 -17.61
N PRO D 157 25.34 4.64 -16.83
CA PRO D 157 26.54 3.93 -17.27
C PRO D 157 26.24 3.03 -18.46
N VAL D 158 27.18 2.99 -19.41
CA VAL D 158 27.01 2.15 -20.60
C VAL D 158 26.95 0.67 -20.23
N LEU D 159 27.53 0.29 -19.09
CA LEU D 159 27.51 -1.11 -18.66
C LEU D 159 26.19 -1.50 -18.00
N SER D 160 25.44 -0.54 -17.49
CA SER D 160 24.20 -0.84 -16.79
C SER D 160 23.06 -1.11 -17.77
N ASP D 161 22.21 -2.08 -17.43
CA ASP D 161 21.04 -2.36 -18.24
C ASP D 161 20.00 -1.25 -18.06
N PRO D 162 19.24 -0.94 -19.10
CA PRO D 162 18.26 0.16 -19.00
C PRO D 162 17.07 -0.24 -18.13
N VAL D 163 16.69 0.66 -17.23
CA VAL D 163 15.52 0.49 -16.38
C VAL D 163 14.49 1.51 -16.85
N TRP D 164 13.46 1.03 -17.55
CA TRP D 164 12.45 1.94 -18.08
C TRP D 164 11.72 2.66 -16.95
N CYS D 165 11.68 3.99 -17.04
CA CYS D 165 10.98 4.83 -16.07
C CYS D 165 9.75 5.42 -16.74
N PRO D 166 8.59 4.77 -16.67
CA PRO D 166 7.39 5.33 -17.27
C PRO D 166 7.01 6.64 -16.58
N HIS D 167 6.86 7.69 -17.38
CA HIS D 167 6.61 9.01 -16.82
C HIS D 167 5.91 9.89 -17.84
N VAL D 168 5.29 10.95 -17.33
CA VAL D 168 4.75 12.02 -18.16
C VAL D 168 5.45 13.31 -17.73
N THR D 169 6.18 13.92 -18.65
CA THR D 169 6.94 15.12 -18.32
C THR D 169 6.00 16.31 -18.13
N ILE D 170 6.14 16.99 -17.00
CA ILE D 170 5.30 18.14 -16.69
C ILE D 170 5.92 19.44 -17.21
N GLY D 171 7.21 19.62 -17.00
CA GLY D 171 7.87 20.83 -17.47
C GLY D 171 9.35 20.81 -17.15
N TYR D 172 10.08 21.65 -17.86
CA TYR D 172 11.51 21.85 -17.65
C TYR D 172 11.74 23.13 -16.86
N VAL D 173 12.63 23.05 -15.87
CA VAL D 173 13.01 24.20 -15.06
C VAL D 173 14.53 24.33 -15.08
N ARG D 174 15.00 25.51 -14.70
CA ARG D 174 16.44 25.77 -14.69
C ARG D 174 17.13 24.87 -13.67
N ALA D 175 18.36 24.48 -14.01
CA ALA D 175 19.14 23.59 -13.16
C ALA D 175 19.84 24.31 -12.02
N ASP D 176 19.88 25.65 -12.03
CA ASP D 176 20.57 26.42 -11.02
C ASP D 176 19.62 27.23 -10.13
N ASP D 177 18.35 26.84 -10.09
CA ASP D 177 17.34 27.51 -9.26
C ASP D 177 16.69 26.44 -8.39
N GLU D 178 17.28 26.17 -7.23
CA GLU D 178 16.77 25.10 -6.37
C GLU D 178 15.40 25.44 -5.81
N ASP D 179 15.18 26.67 -5.38
CA ASP D 179 13.91 27.06 -4.79
C ASP D 179 12.77 26.88 -5.79
N ASN D 180 12.95 27.35 -7.02
CA ASN D 180 11.93 27.17 -8.04
C ASN D 180 11.74 25.71 -8.39
N LYS D 181 12.83 24.94 -8.46
CA LYS D 181 12.72 23.52 -8.74
C LYS D 181 12.02 22.79 -7.59
N ASN D 182 12.36 23.14 -6.35
CA ASN D 182 11.70 22.51 -5.20
C ASN D 182 10.22 22.86 -5.17
N SER D 183 9.89 24.14 -5.30
CA SER D 183 8.49 24.57 -5.27
C SER D 183 7.68 23.89 -6.37
N PHE D 184 8.29 23.63 -7.52
CA PHE D 184 7.62 22.90 -8.58
C PHE D 184 7.32 21.47 -8.15
N ILE D 185 8.26 20.81 -7.48
CA ILE D 185 8.06 19.43 -7.06
C ILE D 185 6.95 19.32 -6.04
N GLU D 186 6.91 20.26 -5.07
CA GLU D 186 5.88 20.21 -4.03
C GLU D 186 4.48 20.32 -4.63
N LEU D 187 4.30 21.26 -5.56
CA LEU D 187 2.99 21.44 -6.17
C LEU D 187 2.58 20.22 -7.00
N ALA D 188 3.51 19.64 -7.74
CA ALA D 188 3.19 18.49 -8.58
C ALA D 188 2.95 17.24 -7.74
N GLU D 189 3.52 17.16 -6.54
CA GLU D 189 3.34 15.98 -5.71
C GLU D 189 1.91 15.83 -5.22
N ALA D 190 1.10 16.88 -5.31
CA ALA D 190 -0.30 16.79 -4.88
C ALA D 190 -1.13 15.92 -5.81
N PHE D 191 -0.63 15.64 -7.02
CA PHE D 191 -1.35 14.83 -7.98
C PHE D 191 -0.94 13.36 -7.94
N ARG D 192 -0.14 12.96 -6.96
CA ARG D 192 0.26 11.56 -6.84
C ARG D 192 -0.94 10.69 -6.50
N GLY D 193 -1.00 9.52 -7.14
CA GLY D 193 -2.11 8.61 -6.96
C GLY D 193 -3.22 8.77 -7.98
N SER D 194 -3.13 9.75 -8.87
CA SER D 194 -4.17 9.99 -9.86
C SER D 194 -4.11 8.95 -10.98
N LYS D 195 -5.29 8.58 -11.47
CA LYS D 195 -5.38 7.69 -12.63
C LYS D 195 -5.17 8.49 -13.91
N ILE D 196 -4.33 7.96 -14.80
CA ILE D 196 -3.97 8.63 -16.05
C ILE D 196 -4.48 7.76 -17.19
N LYS D 197 -5.56 8.19 -17.84
CA LYS D 197 -6.16 7.44 -18.93
C LYS D 197 -5.39 7.64 -20.23
N VAL D 198 -5.31 6.58 -21.03
CA VAL D 198 -4.59 6.61 -22.29
C VAL D 198 -5.56 6.92 -23.42
N ILE D 199 -5.16 7.81 -24.32
CA ILE D 199 -5.98 8.19 -25.46
C ILE D 199 -5.62 7.36 -26.69
N GLY D 200 -4.35 7.33 -27.05
CA GLY D 200 -3.91 6.59 -28.21
C GLY D 200 -2.46 6.91 -28.53
N TRP D 201 -2.06 6.52 -29.74
CA TRP D 201 -0.69 6.77 -30.18
C TRP D 201 -0.45 8.27 -30.37
N CYS D 202 0.79 8.69 -30.13
CA CYS D 202 1.18 10.06 -30.41
C CYS D 202 1.31 10.28 -31.90
N GLU D 203 0.97 11.50 -32.34
CA GLU D 203 1.03 11.84 -33.75
C GLU D 203 1.77 13.16 -33.96
#